data_6VEL
#
_entry.id   6VEL
#
_cell.length_a   142.170
_cell.length_b   142.170
_cell.length_c   90.320
_cell.angle_alpha   90.000
_cell.angle_beta   90.000
_cell.angle_gamma   120.000
#
_symmetry.space_group_name_H-M   'P 31 2 1'
#
loop_
_entity.id
_entity.type
_entity.pdbx_description
1 polymer '66E8 Fab Heavy Chain'
2 polymer '66E8 Fab Light Chain'
3 polymer 'Ubiquitin-like protein SMT3,Cadherin-1'
4 non-polymer 'SULFATE ION'
5 non-polymer 'CALCIUM ION'
6 water water
#
loop_
_entity_poly.entity_id
_entity_poly.type
_entity_poly.pdbx_seq_one_letter_code
_entity_poly.pdbx_strand_id
1 'polypeptide(L)'
;MGWSCIILFLVATATGVHSEVQLQQSGPELVKPGASVKISCKASGYSFTGYFMNWVKQSHGKSLEWIGRINPYNGDTFYK
QRFKGKATLTVDKSSSTVHMDLLSLTSEDSAVYYCGRGNYYFDYWGQGTTLTVSSAKTTPPSVYPLAPGSAAQTNSMVTL
GCLVKGYFPEPVTVTWNSGSLSSGVHTFPAVLQSDLYTLSSSVTVPSSPRPSETVTCNVAHPASSTKVDKKIVPRDCHHH
HHH
;
H
2 'polypeptide(L)'
;MGWSCIILFLVATATGVHSDVQITQSPSYLAASPGETITINCRTSKNISKYLAWYQEKPGKTNKLLIYSGYTLQSGIPSR
FSGSGSGTDFTLTISSLEPEDFAMYYCQQHNEYPYTFGGGTKLEIKRADAAPTVSIFPPSSEQLTSGGASVVCFLNNFYP
KDINVKWKIDGSERQNGVLNSWTDQDSKDSTYSMSSTLTLTKDEYERHNSYTCEATHKTSTSPIVKSFNRNEC
;
L
3 'polypeptide(L)'
;MASMHHHHHHGSSMASMSDSEVNQEAKPEVKPEVKPETHINLKVSDGSSEIFFKIKKTTPLRRLMEAFAKRQGKEMDSLR
FLYDGIRIQADQTPEDLDMEDNDIIEAHREQIGGDWVIPPISCPENEKGPFPKNLVQIKSNKDKEGKVFYSITGQGADTP
PVGVFIIERETGWLKVTEPLDRERIATYTLFSHAVSSNGNAVEDPMEILITVTDQNDNKPEFTQEVFKGSVMEGALPGTS
VMEVTATDADDDVNTYNAAIAYTILSQDPELPDKNMFTINRNTGVISVVTTGLDRESFPTYTLVVQAADLQGEGLSTTAT
AVITVTDTNDN
;
C
#
loop_
_chem_comp.id
_chem_comp.type
_chem_comp.name
_chem_comp.formula
CA non-polymer 'CALCIUM ION' 'Ca 2'
SO4 non-polymer 'SULFATE ION' 'O4 S -2'
#
# COMPACT_ATOMS: atom_id res chain seq x y z
N GLU A 20 4.02 -0.87 -25.10
CA GLU A 20 3.67 -0.30 -23.82
C GLU A 20 2.52 -1.07 -23.15
N VAL A 21 2.76 -1.53 -21.93
CA VAL A 21 1.73 -2.22 -21.17
C VAL A 21 0.67 -1.22 -20.73
N GLN A 22 -0.58 -1.66 -20.70
CA GLN A 22 -1.68 -0.81 -20.27
C GLN A 22 -2.80 -1.67 -19.70
N LEU A 23 -3.25 -1.34 -18.50
CA LEU A 23 -4.38 -2.01 -17.86
C LEU A 23 -5.52 -1.00 -17.77
N GLN A 24 -6.60 -1.25 -18.52
CA GLN A 24 -7.71 -0.33 -18.63
C GLN A 24 -8.93 -0.91 -17.92
N GLN A 25 -9.42 -0.22 -16.91
CA GLN A 25 -10.51 -0.71 -16.09
C GLN A 25 -11.84 -0.10 -16.51
N SER A 26 -12.92 -0.82 -16.18
CA SER A 26 -14.27 -0.36 -16.47
C SER A 26 -14.64 0.81 -15.55
N GLY A 27 -15.72 1.51 -15.93
CA GLY A 27 -16.07 2.76 -15.31
C GLY A 27 -16.68 2.60 -13.93
N PRO A 28 -16.99 3.73 -13.30
CA PRO A 28 -17.43 3.70 -11.89
C PRO A 28 -18.81 3.10 -11.74
N GLU A 29 -19.04 2.48 -10.59
CA GLU A 29 -20.26 1.76 -10.31
C GLU A 29 -20.95 2.36 -9.10
N LEU A 30 -22.24 2.64 -9.25
CA LEU A 30 -23.10 3.13 -8.17
C LEU A 30 -24.28 2.18 -8.07
N VAL A 31 -24.35 1.41 -6.99
CA VAL A 31 -25.37 0.38 -6.83
C VAL A 31 -25.91 0.39 -5.41
N LYS A 32 -27.15 -0.07 -5.26
CA LYS A 32 -27.76 -0.15 -3.95
C LYS A 32 -27.19 -1.36 -3.18
N PRO A 33 -27.26 -1.33 -1.86
CA PRO A 33 -26.80 -2.48 -1.08
C PRO A 33 -27.61 -3.73 -1.40
N GLY A 34 -26.96 -4.88 -1.23
CA GLY A 34 -27.54 -6.15 -1.61
C GLY A 34 -27.25 -6.57 -3.03
N ALA A 35 -26.91 -5.64 -3.90
CA ALA A 35 -26.66 -5.93 -5.31
C ALA A 35 -25.28 -6.52 -5.51
N SER A 36 -24.93 -6.74 -6.78
CA SER A 36 -23.62 -7.22 -7.17
C SER A 36 -23.12 -6.39 -8.34
N VAL A 37 -21.80 -6.36 -8.51
CA VAL A 37 -21.20 -5.69 -9.65
C VAL A 37 -20.08 -6.57 -10.19
N LYS A 38 -19.79 -6.38 -11.46
CA LYS A 38 -18.66 -7.03 -12.11
C LYS A 38 -17.74 -5.95 -12.68
N ILE A 39 -16.53 -5.87 -12.16
CA ILE A 39 -15.53 -4.91 -12.60
C ILE A 39 -14.58 -5.60 -13.55
N SER A 40 -14.27 -4.97 -14.68
CA SER A 40 -13.44 -5.55 -15.71
C SER A 40 -12.16 -4.74 -15.89
N CYS A 41 -11.12 -5.42 -16.35
CA CYS A 41 -9.80 -4.83 -16.56
C CYS A 41 -9.19 -5.45 -17.81
N LYS A 42 -8.97 -4.63 -18.84
CA LYS A 42 -8.49 -5.10 -20.13
C LYS A 42 -7.00 -4.81 -20.26
N ALA A 43 -6.23 -5.83 -20.59
CA ALA A 43 -4.78 -5.74 -20.71
C ALA A 43 -4.36 -5.68 -22.17
N SER A 44 -3.23 -5.02 -22.42
CA SER A 44 -2.68 -4.96 -23.76
C SER A 44 -1.19 -4.66 -23.65
N GLY A 45 -0.48 -4.87 -24.76
CA GLY A 45 0.94 -4.58 -24.81
C GLY A 45 1.86 -5.70 -24.36
N TYR A 46 1.32 -6.88 -24.05
CA TYR A 46 2.15 -7.99 -23.64
C TYR A 46 1.36 -9.29 -23.83
N SER A 47 2.06 -10.41 -23.72
CA SER A 47 1.44 -11.73 -23.84
C SER A 47 0.59 -12.01 -22.60
N PHE A 48 -0.72 -12.05 -22.80
CA PHE A 48 -1.67 -11.95 -21.69
C PHE A 48 -1.50 -13.07 -20.67
N THR A 49 -1.33 -14.29 -21.15
CA THR A 49 -1.30 -15.41 -20.21
C THR A 49 0.04 -15.57 -19.50
N GLY A 50 1.02 -14.70 -19.77
CA GLY A 50 2.32 -14.85 -19.14
C GLY A 50 2.40 -14.36 -17.70
N TYR A 51 1.42 -13.57 -17.25
CA TYR A 51 1.48 -12.98 -15.92
C TYR A 51 0.14 -13.14 -15.22
N PHE A 52 0.19 -13.42 -13.92
CA PHE A 52 -1.03 -13.43 -13.13
C PHE A 52 -1.61 -12.02 -13.08
N MET A 53 -2.93 -11.94 -13.01
CA MET A 53 -3.62 -10.70 -12.75
C MET A 53 -4.10 -10.68 -11.30
N ASN A 54 -4.13 -9.48 -10.72
CA ASN A 54 -4.45 -9.31 -9.31
C ASN A 54 -5.51 -8.23 -9.15
N TRP A 55 -6.27 -8.31 -8.07
CA TRP A 55 -7.18 -7.25 -7.68
C TRP A 55 -6.83 -6.77 -6.28
N VAL A 56 -6.79 -5.45 -6.11
CA VAL A 56 -6.43 -4.82 -4.85
C VAL A 56 -7.56 -3.87 -4.48
N LYS A 57 -7.95 -3.92 -3.21
CA LYS A 57 -8.94 -2.99 -2.67
C LYS A 57 -8.25 -1.89 -1.88
N GLN A 58 -8.76 -0.67 -2.01
CA GLN A 58 -8.29 0.46 -1.20
C GLN A 58 -9.51 1.28 -0.79
N SER A 59 -9.90 1.18 0.48
CA SER A 59 -10.96 2.02 1.00
C SER A 59 -10.42 3.42 1.23
N HIS A 60 -11.33 4.40 1.23
CA HIS A 60 -10.95 5.78 1.44
C HIS A 60 -10.21 5.94 2.75
N GLY A 61 -9.01 6.50 2.68
CA GLY A 61 -8.22 6.75 3.87
C GLY A 61 -7.49 5.53 4.38
N LYS A 62 -7.94 4.36 3.95
CA LYS A 62 -7.35 3.09 4.38
C LYS A 62 -6.22 2.70 3.43
N SER A 63 -5.58 1.58 3.73
CA SER A 63 -4.42 1.14 2.96
C SER A 63 -4.83 0.15 1.89
N LEU A 64 -3.83 -0.34 1.17
CA LEU A 64 -4.07 -1.28 0.08
C LEU A 64 -4.25 -2.69 0.64
N GLU A 65 -5.18 -3.44 0.04
CA GLU A 65 -5.46 -4.79 0.47
C GLU A 65 -5.59 -5.69 -0.76
N TRP A 66 -4.79 -6.76 -0.77
CA TRP A 66 -4.80 -7.72 -1.87
C TRP A 66 -5.99 -8.65 -1.72
N ILE A 67 -6.76 -8.80 -2.80
CA ILE A 67 -7.96 -9.63 -2.78
C ILE A 67 -7.67 -11.05 -3.27
N GLY A 68 -6.92 -11.15 -4.35
CA GLY A 68 -6.60 -12.44 -4.92
C GLY A 68 -6.02 -12.27 -6.30
N ARG A 69 -5.74 -13.41 -6.92
CA ARG A 69 -5.19 -13.42 -8.26
C ARG A 69 -5.84 -14.54 -9.07
N ILE A 70 -5.59 -14.48 -10.37
CA ILE A 70 -6.04 -15.52 -11.29
C ILE A 70 -4.93 -15.74 -12.29
N ASN A 71 -4.69 -17.01 -12.62
CA ASN A 71 -3.78 -17.35 -13.69
C ASN A 71 -4.56 -17.29 -15.00
N PRO A 72 -4.29 -16.35 -15.90
CA PRO A 72 -5.10 -16.25 -17.12
C PRO A 72 -4.97 -17.45 -18.02
N TYR A 73 -3.89 -18.23 -17.91
CA TYR A 73 -3.70 -19.36 -18.80
C TYR A 73 -4.75 -20.43 -18.57
N ASN A 74 -5.14 -20.64 -17.31
CA ASN A 74 -6.03 -21.75 -16.95
C ASN A 74 -7.12 -21.37 -15.95
N GLY A 75 -7.27 -20.09 -15.62
CA GLY A 75 -8.31 -19.67 -14.69
C GLY A 75 -8.06 -20.03 -13.25
N ASP A 76 -6.90 -20.58 -12.93
CA ASP A 76 -6.54 -20.92 -11.56
C ASP A 76 -6.55 -19.68 -10.66
N THR A 77 -7.31 -19.73 -9.56
CA THR A 77 -7.45 -18.60 -8.66
C THR A 77 -6.88 -18.89 -7.27
N PHE A 78 -6.52 -17.82 -6.58
CA PHE A 78 -6.20 -17.85 -5.15
C PHE A 78 -6.75 -16.59 -4.52
N TYR A 79 -7.49 -16.75 -3.43
CA TYR A 79 -8.18 -15.65 -2.77
C TYR A 79 -7.62 -15.41 -1.38
N LYS A 80 -7.54 -14.14 -0.99
CA LYS A 80 -7.38 -13.84 0.43
C LYS A 80 -8.62 -14.32 1.18
N GLN A 81 -8.38 -14.95 2.34
CA GLN A 81 -9.45 -15.64 3.05
C GLN A 81 -10.69 -14.76 3.22
N ARG A 82 -10.51 -13.51 3.65
CA ARG A 82 -11.70 -12.73 3.99
C ARG A 82 -12.50 -12.29 2.78
N PHE A 83 -12.09 -12.65 1.56
CA PHE A 83 -12.84 -12.34 0.36
C PHE A 83 -13.48 -13.54 -0.31
N LYS A 84 -13.21 -14.75 0.17
CA LYS A 84 -13.95 -15.91 -0.31
C LYS A 84 -15.43 -15.70 -0.04
N GLY A 85 -16.25 -15.87 -1.07
CA GLY A 85 -17.67 -15.60 -0.96
C GLY A 85 -18.03 -14.14 -1.13
N LYS A 86 -17.06 -13.24 -1.17
CA LYS A 86 -17.30 -11.84 -1.52
C LYS A 86 -16.84 -11.53 -2.93
N ALA A 87 -15.76 -12.16 -3.38
CA ALA A 87 -15.14 -11.84 -4.64
C ALA A 87 -14.97 -13.10 -5.47
N THR A 88 -15.23 -12.99 -6.77
CA THR A 88 -15.02 -14.05 -7.72
C THR A 88 -14.18 -13.50 -8.87
N LEU A 89 -13.05 -14.14 -9.15
CA LEU A 89 -12.19 -13.73 -10.25
C LEU A 89 -12.40 -14.67 -11.43
N THR A 90 -12.55 -14.09 -12.62
CA THR A 90 -12.63 -14.85 -13.86
C THR A 90 -11.80 -14.15 -14.91
N VAL A 91 -11.60 -14.83 -16.04
CA VAL A 91 -10.76 -14.32 -17.11
C VAL A 91 -11.39 -14.66 -18.45
N ASP A 92 -11.16 -13.79 -19.43
CA ASP A 92 -11.59 -14.04 -20.81
C ASP A 92 -10.36 -13.86 -21.71
N LYS A 93 -9.71 -14.97 -22.06
CA LYS A 93 -8.48 -14.91 -22.83
C LYS A 93 -8.69 -14.27 -24.20
N SER A 94 -9.83 -14.54 -24.83
CA SER A 94 -10.03 -14.03 -26.18
C SER A 94 -9.99 -12.50 -26.22
N SER A 95 -10.23 -11.83 -25.10
CA SER A 95 -10.25 -10.38 -25.06
C SER A 95 -9.26 -9.80 -24.08
N SER A 96 -8.36 -10.62 -23.53
CA SER A 96 -7.33 -10.17 -22.58
C SER A 96 -7.94 -9.35 -21.44
N THR A 97 -9.03 -9.85 -20.90
CA THR A 97 -9.78 -9.16 -19.86
C THR A 97 -9.91 -10.05 -18.63
N VAL A 98 -9.73 -9.47 -17.45
CA VAL A 98 -10.01 -10.13 -16.19
C VAL A 98 -11.20 -9.46 -15.56
N HIS A 99 -12.05 -10.25 -14.91
CA HIS A 99 -13.26 -9.77 -14.28
C HIS A 99 -13.23 -10.07 -12.79
N MET A 100 -13.83 -9.19 -12.01
CA MET A 100 -14.00 -9.43 -10.58
C MET A 100 -15.45 -9.18 -10.20
N ASP A 101 -16.10 -10.22 -9.70
CA ASP A 101 -17.46 -10.13 -9.19
C ASP A 101 -17.44 -9.80 -7.71
N LEU A 102 -18.26 -8.84 -7.30
CA LEU A 102 -18.44 -8.51 -5.90
C LEU A 102 -19.91 -8.72 -5.54
N LEU A 103 -20.16 -9.63 -4.60
CA LEU A 103 -21.49 -10.12 -4.30
C LEU A 103 -22.01 -9.55 -2.99
N SER A 104 -23.32 -9.38 -2.90
CA SER A 104 -23.99 -8.97 -1.66
C SER A 104 -23.33 -7.73 -1.07
N LEU A 105 -23.42 -6.64 -1.81
CA LEU A 105 -22.62 -5.47 -1.52
C LEU A 105 -23.14 -4.72 -0.31
N THR A 106 -22.22 -4.13 0.44
CA THR A 106 -22.52 -3.30 1.59
C THR A 106 -21.71 -2.02 1.49
N SER A 107 -22.01 -1.07 2.39
CA SER A 107 -21.27 0.17 2.41
C SER A 107 -19.79 -0.06 2.67
N GLU A 108 -19.46 -1.12 3.42
CA GLU A 108 -18.06 -1.47 3.63
C GLU A 108 -17.36 -1.84 2.33
N ASP A 109 -18.11 -2.23 1.29
CA ASP A 109 -17.51 -2.53 0.00
C ASP A 109 -17.19 -1.28 -0.80
N SER A 110 -17.73 -0.12 -0.42
CA SER A 110 -17.41 1.12 -1.13
C SER A 110 -15.92 1.38 -1.04
N ALA A 111 -15.27 1.44 -2.19
CA ALA A 111 -13.82 1.57 -2.25
C ALA A 111 -13.41 1.83 -3.69
N VAL A 112 -12.11 2.05 -3.89
CA VAL A 112 -11.48 2.00 -5.20
C VAL A 112 -10.87 0.61 -5.34
N TYR A 113 -11.09 -0.03 -6.48
CA TYR A 113 -10.56 -1.36 -6.75
C TYR A 113 -9.59 -1.29 -7.91
N TYR A 114 -8.41 -1.89 -7.75
CA TYR A 114 -7.35 -1.84 -8.76
C TYR A 114 -7.06 -3.25 -9.25
N CYS A 115 -6.79 -3.37 -10.56
CA CYS A 115 -6.14 -4.56 -11.09
C CYS A 115 -4.65 -4.28 -11.24
N GLY A 116 -3.84 -5.31 -11.04
CA GLY A 116 -2.41 -5.21 -11.23
C GLY A 116 -1.78 -6.45 -11.79
N ARG A 117 -0.78 -6.29 -12.67
CA ARG A 117 -0.12 -7.41 -13.30
C ARG A 117 1.01 -7.93 -12.43
N GLY A 118 1.16 -9.24 -12.36
CA GLY A 118 2.33 -9.79 -11.69
C GLY A 118 2.08 -10.95 -10.76
N ASN A 119 2.93 -11.97 -10.85
CA ASN A 119 2.79 -13.12 -9.97
C ASN A 119 3.20 -12.80 -8.54
N TYR A 120 3.92 -11.71 -8.31
CA TYR A 120 4.45 -11.43 -6.99
C TYR A 120 4.28 -9.95 -6.67
N TYR A 121 5.12 -9.12 -7.27
CA TYR A 121 4.92 -7.68 -7.26
C TYR A 121 4.15 -7.25 -8.50
N PHE A 122 3.66 -6.02 -8.48
CA PHE A 122 2.75 -5.52 -9.52
C PHE A 122 3.45 -4.40 -10.27
N ASP A 123 4.05 -4.74 -11.41
CA ASP A 123 4.79 -3.77 -12.19
C ASP A 123 3.90 -2.88 -13.03
N TYR A 124 2.61 -3.17 -13.14
CA TYR A 124 1.67 -2.30 -13.84
C TYR A 124 0.32 -2.39 -13.16
N TRP A 125 -0.37 -1.25 -13.12
CA TRP A 125 -1.65 -1.14 -12.43
C TRP A 125 -2.68 -0.49 -13.35
N GLY A 126 -3.95 -0.79 -13.10
CA GLY A 126 -5.02 -0.04 -13.73
C GLY A 126 -5.26 1.28 -13.03
N GLN A 127 -6.09 2.12 -13.66
CA GLN A 127 -6.37 3.42 -13.08
C GLN A 127 -7.36 3.35 -11.94
N GLY A 128 -7.93 2.18 -11.69
CA GLY A 128 -8.84 1.99 -10.58
C GLY A 128 -10.29 2.18 -10.98
N THR A 129 -11.17 1.48 -10.28
CA THR A 129 -12.60 1.61 -10.44
C THR A 129 -13.20 1.96 -9.08
N THR A 130 -14.08 2.94 -9.08
CA THR A 130 -14.71 3.41 -7.85
C THR A 130 -16.07 2.75 -7.70
N LEU A 131 -16.30 2.12 -6.54
CA LEU A 131 -17.56 1.48 -6.22
C LEU A 131 -18.20 2.25 -5.08
N THR A 132 -19.44 2.70 -5.28
CA THR A 132 -20.21 3.36 -4.24
C THR A 132 -21.46 2.54 -3.99
N VAL A 133 -21.64 2.11 -2.74
CA VAL A 133 -22.76 1.27 -2.34
C VAL A 133 -23.64 2.11 -1.44
N SER A 134 -24.82 2.46 -1.93
CA SER A 134 -25.70 3.37 -1.19
C SER A 134 -27.12 3.18 -1.66
N SER A 135 -28.06 3.38 -0.73
CA SER A 135 -29.49 3.29 -1.02
C SER A 135 -30.11 4.65 -1.27
N ALA A 136 -29.31 5.69 -1.47
CA ALA A 136 -29.85 7.03 -1.68
C ALA A 136 -30.24 7.24 -3.14
N LYS A 137 -31.21 8.12 -3.36
CA LYS A 137 -31.71 8.43 -4.69
C LYS A 137 -31.01 9.67 -5.25
N THR A 138 -30.96 9.73 -6.57
CA THR A 138 -30.37 10.89 -7.25
C THR A 138 -31.07 12.17 -6.82
N THR A 139 -30.31 13.09 -6.23
CA THR A 139 -30.86 14.33 -5.69
C THR A 139 -30.07 15.53 -6.19
N PRO A 140 -30.73 16.57 -6.70
CA PRO A 140 -30.00 17.76 -7.14
C PRO A 140 -29.50 18.55 -5.95
N PRO A 141 -28.36 19.23 -6.08
CA PRO A 141 -27.86 20.05 -4.98
C PRO A 141 -28.62 21.36 -4.85
N SER A 142 -28.75 21.80 -3.61
CA SER A 142 -29.14 23.17 -3.30
C SER A 142 -27.88 24.01 -3.22
N VAL A 143 -27.84 25.10 -3.99
CA VAL A 143 -26.69 26.00 -4.03
C VAL A 143 -27.04 27.26 -3.27
N TYR A 144 -26.20 27.63 -2.32
CA TYR A 144 -26.43 28.75 -1.42
C TYR A 144 -25.27 29.73 -1.46
N PRO A 145 -25.52 31.02 -1.62
CA PRO A 145 -24.42 31.99 -1.65
C PRO A 145 -23.77 32.14 -0.29
N LEU A 146 -22.48 32.52 -0.32
CA LEU A 146 -21.70 32.83 0.89
C LEU A 146 -21.08 34.21 0.68
N ALA A 147 -21.83 35.27 1.06
CA ALA A 147 -21.41 36.63 0.82
C ALA A 147 -20.65 37.20 2.02
N PRO A 148 -19.73 38.14 1.78
CA PRO A 148 -18.97 38.78 2.87
C PRO A 148 -19.87 39.52 3.85
N THR A 154 -13.79 45.04 5.73
CA THR A 154 -13.27 44.62 4.43
C THR A 154 -11.75 44.76 4.37
N ASN A 155 -11.06 43.63 4.23
CA ASN A 155 -9.63 43.62 4.03
C ASN A 155 -9.30 43.85 2.55
N SER A 156 -8.01 44.08 2.26
CA SER A 156 -7.60 44.30 0.89
C SER A 156 -7.92 43.09 0.02
N MET A 157 -7.65 41.89 0.53
CA MET A 157 -8.16 40.66 -0.08
C MET A 157 -9.51 40.33 0.55
N VAL A 158 -10.41 39.79 -0.26
CA VAL A 158 -11.78 39.49 0.16
C VAL A 158 -12.14 38.08 -0.29
N THR A 159 -12.71 37.30 0.62
CA THR A 159 -13.05 35.90 0.35
C THR A 159 -14.55 35.76 0.12
N LEU A 160 -14.91 35.11 -0.99
CA LEU A 160 -16.29 34.79 -1.33
C LEU A 160 -16.40 33.28 -1.51
N GLY A 161 -17.63 32.78 -1.38
CA GLY A 161 -17.85 31.36 -1.54
C GLY A 161 -19.29 31.04 -1.89
N CYS A 162 -19.56 29.74 -2.06
CA CYS A 162 -20.94 29.29 -2.20
C CYS A 162 -21.03 27.83 -1.81
N LEU A 163 -22.10 27.49 -1.12
CA LEU A 163 -22.29 26.19 -0.47
C LEU A 163 -23.11 25.28 -1.37
N VAL A 164 -22.62 24.06 -1.61
CA VAL A 164 -23.28 23.08 -2.44
C VAL A 164 -23.73 21.94 -1.52
N LYS A 165 -25.03 21.90 -1.21
CA LYS A 165 -25.55 21.06 -0.13
C LYS A 165 -26.63 20.12 -0.64
N GLY A 166 -26.67 18.91 -0.08
CA GLY A 166 -27.82 18.04 -0.22
C GLY A 166 -27.96 17.32 -1.54
N TYR A 167 -26.86 16.91 -2.15
CA TYR A 167 -26.91 16.10 -3.36
C TYR A 167 -26.34 14.72 -3.07
N PHE A 168 -26.77 13.72 -3.83
CA PHE A 168 -26.21 12.40 -3.59
C PHE A 168 -25.31 11.95 -4.74
N PRO A 169 -25.80 11.87 -5.99
CA PRO A 169 -24.92 11.38 -7.05
C PRO A 169 -23.68 12.26 -7.20
N GLU A 170 -22.60 11.80 -6.58
CA GLU A 170 -21.29 12.41 -6.74
C GLU A 170 -20.85 12.26 -8.20
N PRO A 171 -20.11 13.25 -8.74
CA PRO A 171 -19.62 14.48 -8.13
C PRO A 171 -20.34 15.74 -8.60
N VAL A 172 -19.75 16.89 -8.26
CA VAL A 172 -20.15 18.17 -8.78
C VAL A 172 -18.91 18.90 -9.28
N THR A 173 -19.12 19.95 -10.07
CA THR A 173 -18.04 20.77 -10.59
C THR A 173 -18.38 22.22 -10.29
N VAL A 174 -17.47 22.91 -9.60
CA VAL A 174 -17.65 24.30 -9.23
C VAL A 174 -16.63 25.13 -10.00
N THR A 175 -17.12 26.12 -10.74
CA THR A 175 -16.27 27.10 -11.40
C THR A 175 -16.76 28.49 -11.04
N TRP A 176 -15.86 29.46 -11.06
CA TRP A 176 -16.19 30.84 -10.73
C TRP A 176 -16.02 31.70 -11.97
N ASN A 177 -17.07 32.47 -12.29
CA ASN A 177 -17.12 33.32 -13.47
C ASN A 177 -16.79 32.51 -14.73
N SER A 178 -17.41 31.34 -14.83
CA SER A 178 -17.28 30.45 -15.99
C SER A 178 -15.83 30.05 -16.23
N GLY A 179 -15.06 29.92 -15.16
CA GLY A 179 -13.67 29.50 -15.26
C GLY A 179 -12.68 30.58 -15.58
N SER A 180 -13.13 31.78 -15.93
CA SER A 180 -12.21 32.89 -16.16
C SER A 180 -11.42 33.22 -14.90
N LEU A 181 -12.12 33.38 -13.78
CA LEU A 181 -11.49 33.55 -12.47
C LEU A 181 -11.24 32.16 -11.88
N SER A 182 -9.97 31.81 -11.72
CA SER A 182 -9.61 30.44 -11.33
C SER A 182 -8.59 30.41 -10.20
N SER A 183 -7.74 31.42 -10.12
CA SER A 183 -6.74 31.47 -9.05
C SER A 183 -7.36 31.96 -7.76
N GLY A 184 -6.85 31.46 -6.64
CA GLY A 184 -7.42 31.78 -5.35
C GLY A 184 -8.64 30.98 -4.99
N VAL A 185 -8.86 29.86 -5.66
CA VAL A 185 -10.05 29.04 -5.48
C VAL A 185 -9.70 27.84 -4.60
N HIS A 186 -10.64 27.45 -3.74
CA HIS A 186 -10.51 26.27 -2.89
C HIS A 186 -11.84 25.54 -2.93
N THR A 187 -11.95 24.53 -3.78
CA THR A 187 -13.11 23.65 -3.79
C THR A 187 -12.82 22.46 -2.87
N PHE A 188 -13.60 22.34 -1.77
CA PHE A 188 -13.29 21.35 -0.75
C PHE A 188 -13.95 20.01 -1.04
N PRO A 189 -13.28 18.91 -0.71
CA PRO A 189 -13.87 17.59 -0.93
C PRO A 189 -15.17 17.45 -0.15
N ALA A 190 -16.12 16.74 -0.75
CA ALA A 190 -17.46 16.64 -0.20
C ALA A 190 -17.46 15.86 1.11
N VAL A 191 -18.56 15.99 1.84
CA VAL A 191 -18.75 15.33 3.13
C VAL A 191 -20.13 14.66 3.13
N LEU A 192 -20.19 13.43 3.60
CA LEU A 192 -21.42 12.64 3.58
C LEU A 192 -22.23 12.97 4.82
N GLN A 193 -23.32 13.71 4.63
CA GLN A 193 -24.19 14.15 5.72
C GLN A 193 -25.57 13.53 5.49
N SER A 194 -25.89 12.49 6.27
CA SER A 194 -27.19 11.82 6.23
C SER A 194 -27.53 11.35 4.81
N ASP A 195 -26.68 10.47 4.30
CA ASP A 195 -26.85 9.85 2.98
C ASP A 195 -26.85 10.88 1.85
N LEU A 196 -26.39 12.10 2.12
CA LEU A 196 -26.28 13.13 1.09
C LEU A 196 -24.97 13.86 1.25
N TYR A 197 -24.47 14.40 0.15
CA TYR A 197 -23.18 15.07 0.12
C TYR A 197 -23.37 16.59 0.20
N THR A 198 -22.47 17.23 0.93
CA THR A 198 -22.39 18.69 1.01
C THR A 198 -20.96 19.12 0.73
N LEU A 199 -20.84 20.20 -0.04
CA LEU A 199 -19.56 20.70 -0.51
C LEU A 199 -19.60 22.21 -0.49
N SER A 200 -18.45 22.82 -0.25
CA SER A 200 -18.33 24.27 -0.26
C SER A 200 -17.13 24.65 -1.12
N SER A 201 -17.17 25.86 -1.66
CA SER A 201 -16.10 26.38 -2.49
C SER A 201 -15.85 27.83 -2.09
N SER A 202 -14.60 28.25 -2.14
CA SER A 202 -14.24 29.61 -1.76
C SER A 202 -13.30 30.21 -2.80
N VAL A 203 -13.43 31.51 -3.01
CA VAL A 203 -12.61 32.25 -3.96
C VAL A 203 -12.25 33.58 -3.31
N THR A 204 -11.00 33.99 -3.49
CA THR A 204 -10.48 35.22 -2.90
C THR A 204 -10.04 36.16 -4.01
N VAL A 205 -10.51 37.40 -3.95
CA VAL A 205 -10.14 38.43 -4.92
C VAL A 205 -9.54 39.62 -4.18
N PRO A 206 -8.52 40.26 -4.73
CA PRO A 206 -7.98 41.47 -4.13
C PRO A 206 -8.72 42.74 -4.58
N SER A 207 -10.04 42.76 -4.32
CA SER A 207 -10.84 43.92 -4.68
C SER A 207 -10.34 45.17 -3.98
N SER A 208 -10.53 46.31 -4.63
CA SER A 208 -9.76 47.51 -4.36
C SER A 208 -10.70 48.71 -4.28
N PRO A 209 -10.24 49.97 -4.33
CA PRO A 209 -11.21 51.08 -4.33
C PRO A 209 -12.24 51.04 -5.44
N ARG A 210 -12.05 50.22 -6.46
CA ARG A 210 -13.05 50.13 -7.52
C ARG A 210 -14.30 49.43 -7.00
N PRO A 211 -15.47 49.74 -7.58
CA PRO A 211 -16.68 49.01 -7.19
C PRO A 211 -16.49 47.52 -7.39
N SER A 212 -16.73 46.75 -6.32
CA SER A 212 -16.47 45.32 -6.33
C SER A 212 -17.23 44.65 -7.47
N GLU A 213 -16.51 43.86 -8.28
CA GLU A 213 -17.11 43.22 -9.44
C GLU A 213 -18.11 42.17 -9.01
N THR A 214 -19.01 41.84 -9.94
CA THR A 214 -19.95 40.76 -9.72
C THR A 214 -19.24 39.41 -9.81
N VAL A 215 -19.65 38.48 -8.95
CA VAL A 215 -19.02 37.16 -8.86
C VAL A 215 -20.10 36.12 -8.68
N THR A 216 -20.10 35.10 -9.54
CA THR A 216 -21.04 34.01 -9.49
C THR A 216 -20.31 32.68 -9.61
N CYS A 217 -20.73 31.70 -8.82
CA CYS A 217 -20.20 30.34 -8.92
C CYS A 217 -21.12 29.51 -9.80
N ASN A 218 -20.52 28.66 -10.61
CA ASN A 218 -21.23 27.83 -11.58
C ASN A 218 -21.08 26.39 -11.12
N VAL A 219 -22.16 25.83 -10.57
CA VAL A 219 -22.16 24.48 -10.05
C VAL A 219 -22.75 23.56 -11.10
N ALA A 220 -21.93 22.64 -11.60
CA ALA A 220 -22.38 21.62 -12.54
C ALA A 220 -22.54 20.29 -11.80
N HIS A 221 -23.70 19.66 -11.97
CA HIS A 221 -24.00 18.35 -11.39
C HIS A 221 -24.50 17.45 -12.51
N PRO A 222 -23.69 16.52 -12.99
CA PRO A 222 -24.05 15.75 -14.19
C PRO A 222 -25.25 14.83 -14.01
N ALA A 223 -25.21 14.00 -12.97
CA ALA A 223 -26.16 12.89 -12.84
C ALA A 223 -27.60 13.35 -12.61
N SER A 224 -27.83 14.63 -12.39
CA SER A 224 -29.20 15.16 -12.33
C SER A 224 -29.47 16.18 -13.42
N SER A 225 -28.56 16.32 -14.39
CA SER A 225 -28.67 17.30 -15.47
C SER A 225 -28.95 18.70 -14.90
N THR A 226 -28.00 19.16 -14.07
CA THR A 226 -28.17 20.37 -13.29
C THR A 226 -27.02 21.33 -13.59
N LYS A 227 -27.35 22.49 -14.17
CA LYS A 227 -26.40 23.57 -14.40
C LYS A 227 -26.98 24.82 -13.76
N VAL A 228 -26.35 25.29 -12.68
CA VAL A 228 -26.90 26.35 -11.85
C VAL A 228 -25.82 27.41 -11.61
N ASP A 229 -26.22 28.68 -11.70
CA ASP A 229 -25.37 29.82 -11.38
C ASP A 229 -26.00 30.63 -10.26
N LYS A 230 -25.24 30.89 -9.20
CA LYS A 230 -25.70 31.70 -8.06
C LYS A 230 -24.73 32.86 -7.88
N LYS A 231 -25.21 34.07 -8.15
CA LYS A 231 -24.36 35.26 -8.08
C LYS A 231 -24.22 35.73 -6.64
N ILE A 232 -22.98 36.00 -6.23
CA ILE A 232 -22.67 36.40 -4.87
C ILE A 232 -22.72 37.93 -4.80
N VAL A 233 -23.74 38.46 -4.14
CA VAL A 233 -23.92 39.90 -3.96
C VAL A 233 -23.68 40.22 -2.48
N PRO A 234 -22.75 41.12 -2.16
CA PRO A 234 -22.47 41.41 -0.74
C PRO A 234 -23.68 42.02 -0.05
N ARG A 235 -23.86 41.67 1.21
CA ARG A 235 -24.96 42.19 2.01
C ARG A 235 -24.81 43.70 2.23
N ASP B 20 -0.85 -14.13 8.43
CA ASP B 20 -0.57 -13.15 7.37
C ASP B 20 0.57 -12.24 7.80
N VAL B 21 1.42 -11.86 6.85
CA VAL B 21 2.55 -10.98 7.14
C VAL B 21 2.01 -9.57 7.41
N GLN B 22 2.12 -9.11 8.65
CA GLN B 22 1.78 -7.72 8.97
C GLN B 22 2.99 -6.82 8.71
N ILE B 23 2.74 -5.64 8.16
CA ILE B 23 3.79 -4.69 7.84
C ILE B 23 3.51 -3.38 8.57
N THR B 24 4.48 -2.90 9.32
CA THR B 24 4.43 -1.57 9.93
C THR B 24 5.30 -0.64 9.09
N GLN B 25 4.66 0.33 8.44
CA GLN B 25 5.37 1.31 7.63
C GLN B 25 5.40 2.63 8.38
N SER B 26 6.60 3.16 8.57
CA SER B 26 6.80 4.39 9.31
C SER B 26 7.81 5.26 8.58
N PRO B 27 7.66 6.60 8.66
CA PRO B 27 6.54 7.26 9.34
C PRO B 27 5.34 7.43 8.43
N SER B 28 4.17 7.74 8.98
CA SER B 28 2.99 8.00 8.17
C SER B 28 3.16 9.25 7.33
N TYR B 29 3.65 10.32 7.93
CA TYR B 29 3.85 11.59 7.25
C TYR B 29 5.30 12.02 7.41
N LEU B 30 5.79 12.75 6.41
CA LEU B 30 7.18 13.19 6.41
C LEU B 30 7.28 14.42 5.53
N ALA B 31 7.86 15.49 6.07
CA ALA B 31 8.00 16.76 5.37
C ALA B 31 9.46 16.99 5.04
N ALA B 32 9.73 17.37 3.80
CA ALA B 32 11.10 17.61 3.38
C ALA B 32 11.12 18.64 2.27
N SER B 33 12.33 19.02 1.87
CA SER B 33 12.56 19.96 0.79
C SER B 33 13.32 19.29 -0.35
N PRO B 34 13.18 19.80 -1.57
CA PRO B 34 13.99 19.27 -2.68
C PRO B 34 15.47 19.33 -2.33
N GLY B 35 16.20 18.30 -2.76
CA GLY B 35 17.61 18.19 -2.46
C GLY B 35 17.95 17.37 -1.23
N GLU B 36 17.01 17.20 -0.31
CA GLU B 36 17.30 16.41 0.88
C GLU B 36 17.24 14.92 0.57
N THR B 37 17.72 14.12 1.51
CA THR B 37 17.58 12.68 1.45
C THR B 37 16.66 12.24 2.58
N ILE B 38 15.68 11.39 2.27
CA ILE B 38 14.74 10.88 3.26
C ILE B 38 14.72 9.37 3.17
N THR B 39 14.28 8.74 4.26
CA THR B 39 14.12 7.30 4.32
C THR B 39 12.72 6.95 4.79
N ILE B 40 12.21 5.84 4.27
CA ILE B 40 10.95 5.25 4.70
C ILE B 40 11.22 3.80 5.06
N ASN B 41 10.62 3.34 6.17
CA ASN B 41 10.93 2.04 6.72
C ASN B 41 9.70 1.15 6.75
N CYS B 42 9.89 -0.13 6.45
CA CYS B 42 8.87 -1.15 6.67
C CYS B 42 9.47 -2.26 7.51
N ARG B 43 8.82 -2.57 8.63
CA ARG B 43 9.13 -3.73 9.44
C ARG B 43 8.03 -4.77 9.25
N THR B 44 8.41 -6.03 9.05
CA THR B 44 7.48 -7.11 8.84
C THR B 44 7.46 -8.04 10.05
N SER B 45 6.35 -8.78 10.19
CA SER B 45 6.15 -9.70 11.30
C SER B 45 6.69 -11.10 11.04
N LYS B 46 7.15 -11.38 9.82
CA LYS B 46 7.78 -12.62 9.43
C LYS B 46 9.03 -12.29 8.63
N ASN B 47 10.03 -13.16 8.71
CA ASN B 47 11.21 -13.03 7.87
C ASN B 47 10.81 -13.35 6.43
N ILE B 48 10.86 -12.36 5.56
CA ILE B 48 10.45 -12.53 4.17
C ILE B 48 11.65 -12.45 3.23
N SER B 49 12.85 -12.67 3.76
CA SER B 49 14.08 -12.65 2.95
C SER B 49 14.14 -11.27 2.27
N LYS B 50 14.30 -11.20 0.96
CA LYS B 50 14.45 -9.94 0.27
C LYS B 50 13.17 -9.46 -0.40
N TYR B 51 12.08 -10.21 -0.34
CA TYR B 51 10.97 -10.00 -1.28
C TYR B 51 10.01 -8.93 -0.78
N LEU B 52 10.50 -7.68 -0.84
CA LEU B 52 9.69 -6.51 -0.55
C LEU B 52 9.78 -5.54 -1.72
N ALA B 53 8.67 -4.85 -1.99
CA ALA B 53 8.59 -3.94 -3.13
C ALA B 53 8.07 -2.59 -2.66
N TRP B 54 8.46 -1.53 -3.37
CA TRP B 54 8.04 -0.18 -3.04
C TRP B 54 7.27 0.42 -4.22
N TYR B 55 6.21 1.15 -3.91
CA TYR B 55 5.37 1.77 -4.92
C TYR B 55 5.16 3.25 -4.60
N GLN B 56 4.91 4.03 -5.65
CA GLN B 56 4.63 5.45 -5.52
C GLN B 56 3.24 5.75 -6.06
N GLU B 57 2.47 6.55 -5.33
CA GLU B 57 1.11 6.91 -5.71
C GLU B 57 1.02 8.42 -5.87
N LYS B 58 0.42 8.87 -6.96
CA LYS B 58 0.19 10.28 -7.28
C LYS B 58 -1.17 10.42 -7.94
N PRO B 59 -1.89 11.51 -7.67
CA PRO B 59 -3.25 11.64 -8.22
C PRO B 59 -3.23 11.64 -9.74
N GLY B 60 -4.24 11.00 -10.33
CA GLY B 60 -4.37 10.96 -11.77
C GLY B 60 -3.38 10.09 -12.50
N LYS B 61 -2.61 9.29 -11.77
CA LYS B 61 -1.58 8.43 -12.36
C LYS B 61 -1.71 7.04 -11.76
N THR B 62 -1.45 6.02 -12.57
CA THR B 62 -1.47 4.67 -12.05
C THR B 62 -0.26 4.44 -11.16
N ASN B 63 -0.42 3.56 -10.18
CA ASN B 63 0.65 3.31 -9.21
C ASN B 63 1.91 2.85 -9.92
N LYS B 64 3.06 3.23 -9.36
CA LYS B 64 4.35 3.07 -10.03
C LYS B 64 5.27 2.23 -9.16
N LEU B 65 5.72 1.10 -9.68
CA LEU B 65 6.68 0.27 -8.98
C LEU B 65 8.07 0.90 -9.03
N LEU B 66 8.71 1.01 -7.87
CA LEU B 66 10.03 1.63 -7.78
C LEU B 66 11.12 0.58 -7.59
N ILE B 67 10.98 -0.25 -6.57
CA ILE B 67 11.93 -1.29 -6.22
C ILE B 67 11.16 -2.58 -6.04
N TYR B 68 11.74 -3.69 -6.48
CA TYR B 68 11.20 -4.99 -6.13
C TYR B 68 12.34 -5.86 -5.63
N SER B 69 11.98 -6.88 -4.85
CA SER B 69 12.94 -7.78 -4.22
C SER B 69 13.96 -6.99 -3.41
N GLY B 70 13.48 -6.03 -2.65
CA GLY B 70 14.31 -5.33 -1.68
C GLY B 70 15.20 -4.24 -2.21
N TYR B 71 15.93 -4.50 -3.29
CA TYR B 71 16.93 -3.53 -3.73
C TYR B 71 17.08 -3.46 -5.25
N THR B 72 16.17 -4.03 -6.02
CA THR B 72 16.30 -4.02 -7.47
C THR B 72 15.51 -2.86 -8.06
N LEU B 73 16.22 -1.96 -8.73
CA LEU B 73 15.59 -0.78 -9.31
C LEU B 73 14.81 -1.17 -10.56
N GLN B 74 13.53 -0.80 -10.60
CA GLN B 74 12.68 -1.09 -11.73
C GLN B 74 13.02 -0.20 -12.91
N SER B 75 12.82 -0.73 -14.12
CA SER B 75 13.07 0.03 -15.33
C SER B 75 12.26 1.33 -15.32
N GLY B 76 12.90 2.41 -15.77
CA GLY B 76 12.27 3.72 -15.82
C GLY B 76 12.36 4.54 -14.54
N ILE B 77 13.00 4.03 -13.50
CA ILE B 77 13.09 4.70 -12.20
C ILE B 77 14.52 5.19 -12.01
N PRO B 78 14.73 6.44 -11.61
CA PRO B 78 16.12 6.93 -11.42
C PRO B 78 16.75 6.31 -10.18
N SER B 79 18.08 6.21 -10.22
CA SER B 79 18.80 5.48 -9.17
C SER B 79 18.86 6.22 -7.84
N ARG B 80 18.40 7.47 -7.77
CA ARG B 80 18.25 8.11 -6.47
C ARG B 80 17.19 7.44 -5.61
N PHE B 81 16.38 6.55 -6.17
CA PHE B 81 15.57 5.61 -5.39
C PHE B 81 16.40 4.35 -5.15
N SER B 82 16.59 3.98 -3.89
CA SER B 82 17.35 2.78 -3.57
C SER B 82 16.72 2.09 -2.36
N GLY B 83 16.76 0.75 -2.37
CA GLY B 83 16.19 -0.04 -1.30
C GLY B 83 17.25 -0.88 -0.60
N SER B 84 16.98 -1.19 0.66
CA SER B 84 17.91 -2.02 1.42
C SER B 84 17.13 -2.86 2.41
N GLY B 85 17.82 -3.82 3.01
CA GLY B 85 17.23 -4.65 4.02
C GLY B 85 16.97 -6.07 3.54
N SER B 86 16.81 -6.96 4.51
CA SER B 86 16.48 -8.36 4.24
C SER B 86 16.12 -9.02 5.56
N GLY B 87 15.05 -9.79 5.56
CA GLY B 87 14.55 -10.37 6.80
C GLY B 87 13.30 -9.69 7.26
N THR B 88 13.42 -8.77 8.20
CA THR B 88 12.27 -8.09 8.78
C THR B 88 12.32 -6.57 8.69
N ASP B 89 13.46 -5.98 8.32
CA ASP B 89 13.61 -4.53 8.31
C ASP B 89 14.05 -4.08 6.94
N PHE B 90 13.26 -3.19 6.33
CA PHE B 90 13.51 -2.69 4.99
C PHE B 90 13.43 -1.17 4.97
N THR B 91 14.24 -0.56 4.11
CA THR B 91 14.27 0.89 3.99
C THR B 91 14.26 1.29 2.52
N LEU B 92 13.35 2.19 2.17
CA LEU B 92 13.39 2.92 0.92
C LEU B 92 14.11 4.23 1.17
N THR B 93 15.10 4.55 0.35
CA THR B 93 15.85 5.80 0.47
C THR B 93 15.68 6.60 -0.81
N ILE B 94 15.38 7.88 -0.68
CA ILE B 94 15.27 8.77 -1.82
C ILE B 94 16.27 9.90 -1.62
N SER B 95 17.33 9.92 -2.42
CA SER B 95 18.34 10.96 -2.33
C SER B 95 18.02 12.10 -3.29
N SER B 96 18.37 13.32 -2.88
CA SER B 96 18.26 14.51 -3.72
C SER B 96 16.85 14.65 -4.30
N LEU B 97 15.88 14.78 -3.38
CA LEU B 97 14.48 14.81 -3.77
C LEU B 97 14.23 15.84 -4.86
N GLU B 98 13.48 15.45 -5.85
CA GLU B 98 12.92 16.34 -6.86
C GLU B 98 11.46 16.62 -6.53
N PRO B 99 10.90 17.71 -7.04
CA PRO B 99 9.49 18.02 -6.74
C PRO B 99 8.55 16.89 -7.11
N GLU B 100 8.88 16.13 -8.15
CA GLU B 100 8.06 15.00 -8.53
CA GLU B 100 8.06 15.00 -8.53
C GLU B 100 7.97 13.95 -7.42
N ASP B 101 9.01 13.87 -6.58
CA ASP B 101 9.08 12.81 -5.58
C ASP B 101 8.10 13.00 -4.44
N PHE B 102 7.47 14.16 -4.29
CA PHE B 102 6.58 14.39 -3.17
C PHE B 102 5.22 13.76 -3.47
N ALA B 103 4.93 12.67 -2.78
CA ALA B 103 3.84 11.79 -3.17
C ALA B 103 3.60 10.79 -2.04
N MET B 104 2.76 9.81 -2.31
CA MET B 104 2.46 8.74 -1.36
C MET B 104 3.32 7.51 -1.71
N TYR B 105 3.74 6.78 -0.69
CA TYR B 105 4.64 5.63 -0.87
C TYR B 105 4.15 4.44 -0.06
N TYR B 106 4.19 3.26 -0.68
CA TYR B 106 3.73 2.01 -0.07
C TYR B 106 4.77 0.91 -0.27
N CYS B 107 4.96 0.08 0.75
CA CYS B 107 5.69 -1.16 0.57
C CYS B 107 4.71 -2.33 0.51
N GLN B 108 5.18 -3.43 -0.09
CA GLN B 108 4.39 -4.64 -0.22
C GLN B 108 5.32 -5.83 -0.18
N GLN B 109 5.02 -6.82 0.65
CA GLN B 109 5.76 -8.07 0.61
C GLN B 109 5.18 -8.95 -0.50
N HIS B 110 6.06 -9.47 -1.34
CA HIS B 110 5.68 -10.40 -2.39
C HIS B 110 6.33 -11.75 -2.13
N ASN B 111 6.41 -12.08 -0.84
CA ASN B 111 7.01 -13.33 -0.44
C ASN B 111 6.00 -14.47 -0.44
N GLU B 112 4.76 -14.20 -0.06
CA GLU B 112 3.82 -15.27 0.22
C GLU B 112 2.38 -14.73 0.22
N TYR B 113 1.45 -15.60 -0.19
CA TYR B 113 0.03 -15.28 -0.06
C TYR B 113 -0.37 -15.29 1.41
N PRO B 114 -1.32 -14.42 1.81
CA PRO B 114 -1.83 -13.34 0.95
C PRO B 114 -0.86 -12.16 0.93
N TYR B 115 -0.67 -11.54 -0.23
CA TYR B 115 0.19 -10.36 -0.27
C TYR B 115 -0.41 -9.25 0.57
N THR B 116 0.46 -8.45 1.18
CA THR B 116 0.04 -7.44 2.13
C THR B 116 0.88 -6.19 1.94
N PHE B 117 0.29 -5.05 2.31
CA PHE B 117 0.90 -3.75 2.08
C PHE B 117 1.14 -3.03 3.40
N GLY B 118 2.15 -2.17 3.39
CA GLY B 118 2.31 -1.23 4.48
C GLY B 118 1.23 -0.17 4.45
N GLY B 119 1.09 0.54 5.56
CA GLY B 119 0.05 1.55 5.69
C GLY B 119 0.31 2.83 4.92
N GLY B 120 1.50 3.03 4.39
CA GLY B 120 1.75 4.15 3.51
C GLY B 120 2.53 5.28 4.19
N THR B 121 3.21 6.07 3.37
CA THR B 121 3.91 7.27 3.84
C THR B 121 3.63 8.40 2.86
N LYS B 122 3.18 9.54 3.40
CA LYS B 122 2.93 10.73 2.60
C LYS B 122 4.13 11.66 2.72
N LEU B 123 4.83 11.86 1.62
CA LEU B 123 6.00 12.75 1.59
C LEU B 123 5.53 14.12 1.11
N GLU B 124 5.42 15.07 2.04
CA GLU B 124 4.95 16.41 1.74
C GLU B 124 6.12 17.40 1.75
N ILE B 125 5.93 18.53 1.09
CA ILE B 125 7.03 19.45 0.82
C ILE B 125 7.09 20.51 1.90
N LYS B 126 8.29 20.76 2.43
CA LYS B 126 8.48 21.77 3.46
C LYS B 126 8.17 23.16 2.92
N ARG B 127 7.79 24.06 3.83
CA ARG B 127 7.29 25.36 3.44
C ARG B 127 7.33 26.27 4.66
N ALA B 128 7.43 27.58 4.42
CA ALA B 128 7.44 28.52 5.52
C ALA B 128 6.08 28.54 6.21
N ASP B 129 6.09 28.67 7.54
CA ASP B 129 4.84 28.73 8.28
C ASP B 129 3.95 29.84 7.76
N ALA B 130 2.65 29.59 7.76
CA ALA B 130 1.68 30.55 7.26
C ALA B 130 0.43 30.49 8.13
N ALA B 131 -0.05 31.66 8.54
CA ALA B 131 -1.28 31.78 9.30
C ALA B 131 -2.48 31.65 8.37
N PRO B 132 -3.56 31.02 8.85
CA PRO B 132 -4.75 30.86 8.01
C PRO B 132 -5.49 32.17 7.85
N THR B 133 -5.93 32.43 6.61
CA THR B 133 -6.89 33.49 6.35
C THR B 133 -8.28 32.91 6.60
N VAL B 134 -9.00 33.47 7.58
CA VAL B 134 -10.25 32.87 8.02
C VAL B 134 -11.39 33.85 7.76
N SER B 135 -12.47 33.33 7.19
CA SER B 135 -13.68 34.08 6.89
C SER B 135 -14.89 33.30 7.38
N ILE B 136 -15.85 34.03 7.93
CA ILE B 136 -17.08 33.44 8.44
C ILE B 136 -18.23 33.93 7.56
N PHE B 137 -19.25 33.07 7.39
CA PHE B 137 -20.37 33.40 6.53
C PHE B 137 -21.69 32.98 7.17
N PRO B 138 -22.65 33.89 7.29
CA PRO B 138 -23.96 33.51 7.83
C PRO B 138 -24.78 32.78 6.77
N PRO B 139 -25.86 32.10 7.17
CA PRO B 139 -26.70 31.43 6.18
C PRO B 139 -27.32 32.44 5.22
N SER B 140 -27.52 31.99 3.99
CA SER B 140 -28.05 32.86 2.95
C SER B 140 -29.55 33.08 3.15
N SER B 141 -30.13 33.95 2.31
CA SER B 141 -31.57 34.13 2.33
C SER B 141 -32.30 32.87 1.86
N GLU B 142 -31.78 32.24 0.81
CA GLU B 142 -32.44 31.08 0.23
C GLU B 142 -32.46 29.91 1.20
N GLN B 143 -31.33 29.62 1.83
CA GLN B 143 -31.27 28.49 2.76
C GLN B 143 -32.21 28.69 3.95
N LEU B 144 -32.31 29.93 4.43
CA LEU B 144 -33.22 30.20 5.54
C LEU B 144 -34.68 30.07 5.13
N THR B 145 -34.98 30.25 3.84
CA THR B 145 -36.33 30.00 3.36
C THR B 145 -36.60 28.50 3.27
N SER B 146 -35.58 27.72 2.86
CA SER B 146 -35.73 26.27 2.81
C SER B 146 -35.93 25.65 4.18
N GLY B 147 -35.57 26.36 5.25
CA GLY B 147 -35.70 25.85 6.60
C GLY B 147 -34.41 25.45 7.27
N GLY B 148 -33.27 25.60 6.59
CA GLY B 148 -31.99 25.25 7.16
C GLY B 148 -31.14 26.47 7.47
N ALA B 149 -30.07 26.24 8.25
CA ALA B 149 -29.16 27.31 8.61
C ALA B 149 -27.77 26.69 8.81
N SER B 150 -26.91 26.83 7.81
CA SER B 150 -25.53 26.40 7.89
C SER B 150 -24.62 27.62 7.85
N VAL B 151 -23.87 27.83 8.92
CA VAL B 151 -22.84 28.85 8.96
C VAL B 151 -21.51 28.20 8.58
N VAL B 152 -20.83 28.79 7.59
CA VAL B 152 -19.63 28.21 7.01
C VAL B 152 -18.42 29.04 7.42
N CYS B 153 -17.31 28.37 7.72
CA CYS B 153 -16.07 29.01 8.14
C CYS B 153 -14.94 28.44 7.29
N PHE B 154 -14.17 29.31 6.65
CA PHE B 154 -13.04 28.92 5.82
C PHE B 154 -11.74 29.26 6.52
N LEU B 155 -10.78 28.31 6.48
CA LEU B 155 -9.44 28.52 7.00
C LEU B 155 -8.46 28.20 5.87
N ASN B 156 -7.98 29.23 5.17
CA ASN B 156 -7.34 29.02 3.87
C ASN B 156 -5.85 29.33 3.90
N ASN B 157 -5.08 28.49 3.19
CA ASN B 157 -3.66 28.71 2.91
C ASN B 157 -2.83 28.85 4.18
N PHE B 158 -2.94 27.89 5.07
CA PHE B 158 -2.12 27.86 6.26
C PHE B 158 -1.06 26.76 6.14
N TYR B 159 -0.01 26.89 6.94
CA TYR B 159 1.02 25.88 7.04
C TYR B 159 1.67 26.02 8.41
N PRO B 160 1.93 24.92 9.14
CA PRO B 160 1.69 23.53 8.73
C PRO B 160 0.24 23.10 8.88
N LYS B 161 -0.05 21.84 8.53
CA LYS B 161 -1.43 21.39 8.38
C LYS B 161 -2.16 21.28 9.70
N ASP B 162 -1.43 21.17 10.81
CA ASP B 162 -2.05 20.97 12.11
C ASP B 162 -2.84 22.22 12.51
N ILE B 163 -4.12 22.04 12.79
CA ILE B 163 -5.00 23.16 13.07
C ILE B 163 -6.22 22.63 13.81
N ASN B 164 -6.84 23.48 14.62
CA ASN B 164 -8.03 23.11 15.37
C ASN B 164 -9.05 24.22 15.26
N VAL B 165 -10.32 23.82 15.23
CA VAL B 165 -11.44 24.74 15.11
C VAL B 165 -12.42 24.46 16.24
N LYS B 166 -12.77 25.51 16.99
CA LYS B 166 -13.85 25.46 17.95
C LYS B 166 -14.97 26.37 17.46
N TRP B 167 -16.20 25.90 17.62
CA TRP B 167 -17.38 26.71 17.33
C TRP B 167 -17.99 27.19 18.64
N LYS B 168 -18.27 28.49 18.72
CA LYS B 168 -18.81 29.12 19.93
C LYS B 168 -20.06 29.90 19.55
N ILE B 169 -21.23 29.39 19.94
CA ILE B 169 -22.51 30.04 19.68
C ILE B 169 -22.86 30.88 20.90
N ASP B 170 -22.73 32.20 20.75
CA ASP B 170 -22.96 33.14 21.85
C ASP B 170 -22.03 32.82 23.04
N GLY B 171 -20.74 32.71 22.75
CA GLY B 171 -19.74 32.45 23.75
C GLY B 171 -19.68 31.02 24.27
N SER B 172 -20.57 30.15 23.82
CA SER B 172 -20.65 28.78 24.31
C SER B 172 -20.19 27.80 23.24
N GLU B 173 -19.32 26.88 23.64
CA GLU B 173 -18.78 25.89 22.72
C GLU B 173 -19.82 24.85 22.34
N ARG B 174 -19.88 24.54 21.04
CA ARG B 174 -20.80 23.53 20.51
C ARG B 174 -20.03 22.61 19.57
N GLN B 175 -20.10 21.30 19.83
CA GLN B 175 -19.42 20.30 19.01
C GLN B 175 -20.39 19.45 18.20
N ASN B 176 -21.68 19.75 18.23
CA ASN B 176 -22.69 19.01 17.49
C ASN B 176 -23.11 19.79 16.26
N GLY B 177 -23.24 19.08 15.13
CA GLY B 177 -23.58 19.71 13.87
C GLY B 177 -22.41 20.26 13.10
N VAL B 178 -21.18 19.95 13.50
CA VAL B 178 -19.98 20.46 12.84
C VAL B 178 -19.50 19.45 11.82
N LEU B 179 -19.18 19.93 10.62
CA LEU B 179 -18.62 19.10 9.57
C LEU B 179 -17.40 19.78 8.99
N ASN B 180 -16.28 19.05 8.96
CA ASN B 180 -15.01 19.60 8.52
C ASN B 180 -14.52 18.89 7.27
N SER B 181 -13.77 19.62 6.45
CA SER B 181 -13.24 19.09 5.20
C SER B 181 -11.92 19.77 4.93
N TRP B 182 -10.92 18.99 4.53
CA TRP B 182 -9.56 19.44 4.34
C TRP B 182 -9.12 19.19 2.91
N THR B 183 -8.32 20.11 2.37
CA THR B 183 -7.67 19.86 1.10
C THR B 183 -6.34 19.14 1.34
N ASP B 184 -5.78 18.64 0.25
CA ASP B 184 -4.39 18.19 0.30
C ASP B 184 -3.47 19.39 0.15
N GLN B 185 -2.18 19.14 0.30
CA GLN B 185 -1.22 20.22 0.14
C GLN B 185 -1.34 20.82 -1.25
N ASP B 186 -1.45 22.14 -1.32
CA ASP B 186 -1.61 22.82 -2.59
C ASP B 186 -0.37 22.64 -3.45
N SER B 187 -0.59 22.56 -4.77
CA SER B 187 0.53 22.29 -5.67
C SER B 187 1.29 23.57 -6.03
N LYS B 188 0.62 24.71 -6.02
CA LYS B 188 1.26 25.96 -6.42
C LYS B 188 1.95 26.68 -5.27
N ASP B 189 1.45 26.58 -4.03
CA ASP B 189 2.04 27.30 -2.92
C ASP B 189 2.23 26.46 -1.66
N SER B 190 1.97 25.14 -1.72
CA SER B 190 2.29 24.18 -0.67
C SER B 190 1.54 24.40 0.63
N THR B 191 0.41 25.10 0.62
CA THR B 191 -0.32 25.35 1.85
C THR B 191 -1.47 24.36 2.00
N TYR B 192 -2.17 24.45 3.13
CA TYR B 192 -3.37 23.68 3.39
C TYR B 192 -4.55 24.61 3.61
N SER B 193 -5.75 24.10 3.31
CA SER B 193 -6.99 24.82 3.56
C SER B 193 -8.01 23.88 4.17
N MET B 194 -8.95 24.46 4.91
CA MET B 194 -9.93 23.67 5.66
C MET B 194 -11.26 24.41 5.66
N SER B 195 -12.35 23.66 5.59
CA SER B 195 -13.69 24.21 5.62
C SER B 195 -14.44 23.61 6.79
N SER B 196 -15.14 24.45 7.55
CA SER B 196 -15.96 24.00 8.67
C SER B 196 -17.37 24.54 8.53
N THR B 197 -18.35 23.71 8.87
CA THR B 197 -19.75 24.04 8.66
C THR B 197 -20.59 23.54 9.83
N LEU B 198 -21.07 24.47 10.65
CA LEU B 198 -22.09 24.15 11.64
C LEU B 198 -23.46 24.20 10.99
N THR B 199 -24.29 23.21 11.30
CA THR B 199 -25.59 23.08 10.64
C THR B 199 -26.69 23.04 11.67
N LEU B 200 -27.55 24.05 11.65
CA LEU B 200 -28.73 24.13 12.50
C LEU B 200 -29.95 24.47 11.65
N THR B 201 -31.10 24.57 12.28
CA THR B 201 -32.32 24.96 11.59
C THR B 201 -32.82 26.29 12.16
N LYS B 202 -33.68 26.95 11.39
CA LYS B 202 -34.20 28.26 11.77
C LYS B 202 -34.71 28.26 13.20
N ASP B 203 -35.40 27.20 13.60
CA ASP B 203 -35.86 27.08 14.98
C ASP B 203 -34.69 27.07 15.95
N GLU B 204 -33.73 26.17 15.74
CA GLU B 204 -32.57 26.09 16.63
C GLU B 204 -31.59 27.23 16.41
N TYR B 205 -31.70 27.95 15.29
CA TYR B 205 -30.72 28.97 14.92
C TYR B 205 -31.05 30.32 15.55
N GLU B 206 -32.25 30.84 15.28
CA GLU B 206 -32.55 32.22 15.67
C GLU B 206 -32.72 32.40 17.17
N ARG B 207 -32.58 31.35 17.97
CA ARG B 207 -32.58 31.51 19.42
C ARG B 207 -31.35 32.23 19.94
N HIS B 208 -30.31 32.38 19.13
CA HIS B 208 -29.06 33.00 19.54
C HIS B 208 -28.67 34.09 18.55
N ASN B 209 -27.72 34.93 18.97
CA ASN B 209 -27.36 36.14 18.24
C ASN B 209 -25.97 36.08 17.60
N SER B 210 -24.96 35.65 18.35
CA SER B 210 -23.58 35.66 17.87
C SER B 210 -23.07 34.24 17.64
N TYR B 211 -22.39 34.05 16.51
CA TYR B 211 -21.79 32.77 16.15
C TYR B 211 -20.35 33.01 15.72
N THR B 212 -19.44 32.16 16.20
CA THR B 212 -18.02 32.40 16.03
C THR B 212 -17.29 31.08 15.78
N CYS B 213 -16.37 31.10 14.82
CA CYS B 213 -15.34 30.07 14.70
C CYS B 213 -14.00 30.69 15.06
N GLU B 214 -13.21 29.95 15.83
CA GLU B 214 -11.88 30.40 16.21
C GLU B 214 -10.88 29.30 15.87
N ALA B 215 -9.79 29.68 15.23
CA ALA B 215 -8.78 28.76 14.74
C ALA B 215 -7.53 28.87 15.59
N THR B 216 -7.06 27.73 16.10
CA THR B 216 -5.82 27.66 16.86
C THR B 216 -4.75 27.04 15.97
N HIS B 217 -3.64 27.75 15.82
CA HIS B 217 -2.59 27.35 14.89
C HIS B 217 -1.24 27.78 15.43
N LYS B 218 -0.20 27.08 14.96
CA LYS B 218 1.17 27.35 15.39
C LYS B 218 1.52 28.83 15.30
N THR B 219 0.99 29.52 14.30
CA THR B 219 1.43 30.87 13.95
C THR B 219 0.95 31.94 14.92
N SER B 220 0.06 31.61 15.86
CA SER B 220 -0.44 32.59 16.81
C SER B 220 -0.55 31.97 18.19
N THR B 221 -0.10 32.72 19.21
CA THR B 221 -0.27 32.26 20.57
C THR B 221 -1.72 32.37 21.02
N SER B 222 -2.48 33.26 20.39
CA SER B 222 -3.90 33.42 20.65
C SER B 222 -4.69 33.10 19.39
N PRO B 223 -5.83 32.42 19.52
CA PRO B 223 -6.56 31.98 18.34
C PRO B 223 -7.09 33.13 17.50
N ILE B 224 -7.14 32.91 16.19
CA ILE B 224 -7.73 33.87 15.28
C ILE B 224 -9.24 33.72 15.31
N VAL B 225 -9.95 34.82 15.49
CA VAL B 225 -11.38 34.81 15.77
C VAL B 225 -12.10 35.65 14.72
N LYS B 226 -13.19 35.11 14.18
CA LYS B 226 -14.07 35.84 13.29
C LYS B 226 -15.51 35.54 13.69
N SER B 227 -16.31 36.59 13.88
CA SER B 227 -17.65 36.44 14.45
C SER B 227 -18.69 37.12 13.57
N PHE B 228 -19.94 36.67 13.74
CA PHE B 228 -21.10 37.25 13.09
C PHE B 228 -22.19 37.46 14.13
N ASN B 229 -23.10 38.39 13.83
CA ASN B 229 -24.23 38.65 14.72
C ASN B 229 -25.56 38.33 14.04
N ASP C 115 29.97 -41.44 28.81
CA ASP C 115 30.38 -40.36 29.71
C ASP C 115 29.43 -39.18 29.57
N TRP C 116 28.81 -38.79 30.69
CA TRP C 116 27.77 -37.76 30.70
C TRP C 116 28.29 -36.43 30.18
N VAL C 117 27.81 -36.01 29.01
CA VAL C 117 28.18 -34.73 28.43
C VAL C 117 26.91 -33.99 28.05
N ILE C 118 27.06 -32.68 27.86
CA ILE C 118 25.90 -31.86 27.47
C ILE C 118 25.57 -32.14 26.00
N PRO C 119 24.34 -32.52 25.68
CA PRO C 119 24.01 -32.81 24.28
C PRO C 119 24.02 -31.53 23.46
N PRO C 120 23.95 -31.63 22.13
CA PRO C 120 23.88 -30.42 21.30
C PRO C 120 22.61 -29.64 21.62
N ILE C 121 22.77 -28.33 21.75
CA ILE C 121 21.67 -27.42 22.06
C ILE C 121 21.14 -26.87 20.75
N SER C 122 19.85 -27.07 20.50
CA SER C 122 19.23 -26.58 19.28
C SER C 122 18.49 -25.29 19.56
N CYS C 123 18.68 -24.29 18.71
CA CYS C 123 18.01 -22.99 18.85
C CYS C 123 17.49 -22.58 17.48
N PRO C 124 16.19 -22.36 17.33
CA PRO C 124 15.66 -21.97 16.02
C PRO C 124 16.09 -20.57 15.61
N GLU C 125 16.25 -20.38 14.31
CA GLU C 125 16.58 -19.07 13.77
C GLU C 125 15.36 -18.16 13.80
N ASN C 126 15.60 -16.88 13.55
CA ASN C 126 14.55 -15.87 13.39
C ASN C 126 13.65 -15.76 14.62
N GLU C 127 14.18 -16.03 15.80
CA GLU C 127 13.38 -15.92 17.01
C GLU C 127 13.10 -14.47 17.36
N LYS C 128 11.92 -14.22 17.91
CA LYS C 128 11.50 -12.89 18.29
C LYS C 128 11.92 -12.58 19.72
N GLY C 129 11.61 -11.37 20.18
CA GLY C 129 11.97 -10.97 21.51
C GLY C 129 11.19 -11.72 22.58
N PRO C 130 11.47 -11.39 23.84
CA PRO C 130 12.51 -10.44 24.22
C PRO C 130 13.86 -11.11 24.44
N PHE C 131 14.95 -10.36 24.33
CA PHE C 131 16.27 -10.90 24.56
C PHE C 131 16.91 -10.20 25.75
N PRO C 132 17.76 -10.89 26.52
CA PRO C 132 18.30 -12.24 26.33
C PRO C 132 17.30 -13.37 26.55
N LYS C 133 17.60 -14.52 25.94
CA LYS C 133 16.78 -15.71 26.03
C LYS C 133 17.65 -16.86 26.54
N ASN C 134 17.13 -17.60 27.52
CA ASN C 134 17.92 -18.68 28.12
C ASN C 134 18.01 -19.87 27.16
N LEU C 135 19.18 -20.51 27.17
CA LEU C 135 19.43 -21.70 26.35
C LEU C 135 19.68 -22.93 27.20
N VAL C 136 20.71 -22.91 28.06
CA VAL C 136 21.05 -24.04 28.89
C VAL C 136 21.86 -23.50 30.06
N GLN C 137 21.82 -24.21 31.17
CA GLN C 137 22.63 -23.89 32.34
C GLN C 137 23.71 -24.95 32.50
N ILE C 138 24.93 -24.52 32.74
CA ILE C 138 26.05 -25.43 32.98
C ILE C 138 26.51 -25.27 34.42
N LYS C 139 26.94 -26.37 35.03
CA LYS C 139 27.30 -26.38 36.43
C LYS C 139 28.55 -27.21 36.65
N SER C 140 29.37 -26.78 37.61
CA SER C 140 30.52 -27.54 38.08
C SER C 140 30.30 -27.90 39.54
N ASN C 141 30.28 -29.21 39.84
CA ASN C 141 30.05 -29.62 41.22
C ASN C 141 31.19 -29.20 42.14
N LYS C 142 32.26 -28.62 41.60
CA LYS C 142 33.25 -27.93 42.42
C LYS C 142 32.68 -26.67 43.05
N ASP C 143 31.44 -26.30 42.74
CA ASP C 143 30.76 -25.22 43.47
C ASP C 143 30.35 -25.65 44.87
N LYS C 144 30.53 -26.94 45.22
CA LYS C 144 30.17 -27.40 46.55
C LYS C 144 31.07 -26.76 47.61
N GLU C 145 32.38 -26.72 47.36
CA GLU C 145 33.31 -26.17 48.35
C GLU C 145 33.31 -24.64 48.34
N GLY C 146 33.33 -24.02 47.15
CA GLY C 146 33.38 -22.58 47.06
C GLY C 146 32.77 -22.06 45.78
N LYS C 147 32.65 -20.74 45.69
CA LYS C 147 32.00 -20.10 44.55
C LYS C 147 32.85 -20.26 43.29
N VAL C 148 32.17 -20.41 42.15
CA VAL C 148 32.80 -20.63 40.86
C VAL C 148 32.36 -19.54 39.89
N PHE C 149 33.28 -19.10 39.04
CA PHE C 149 33.02 -18.09 38.02
C PHE C 149 32.98 -18.75 36.66
N TYR C 150 31.88 -18.54 35.92
CA TYR C 150 31.66 -19.18 34.63
C TYR C 150 31.86 -18.19 33.49
N SER C 151 32.38 -18.69 32.37
CA SER C 151 32.55 -17.90 31.15
C SER C 151 32.71 -18.85 29.97
N ILE C 152 32.34 -18.37 28.79
CA ILE C 152 32.38 -19.18 27.58
C ILE C 152 33.24 -18.50 26.53
N THR C 153 33.82 -19.31 25.66
CA THR C 153 34.68 -18.84 24.57
C THR C 153 34.21 -19.46 23.26
N GLY C 154 34.64 -18.86 22.15
CA GLY C 154 34.38 -19.37 20.83
C GLY C 154 33.66 -18.36 19.96
N GLN C 155 33.35 -18.82 18.75
CA GLN C 155 32.63 -17.99 17.78
C GLN C 155 31.20 -17.76 18.25
N GLY C 156 30.78 -16.50 18.27
CA GLY C 156 29.51 -16.13 18.86
C GLY C 156 29.62 -15.57 20.26
N ALA C 157 30.79 -15.74 20.90
CA ALA C 157 31.04 -15.20 22.23
C ALA C 157 32.41 -14.52 22.28
N ASP C 158 33.46 -15.26 21.94
CA ASP C 158 34.81 -14.71 21.96
C ASP C 158 35.23 -14.28 20.55
N THR C 159 35.80 -15.21 19.79
CA THR C 159 36.15 -14.96 18.41
C THR C 159 34.89 -14.58 17.61
N PRO C 160 35.02 -13.81 16.54
CA PRO C 160 33.85 -13.29 15.82
C PRO C 160 32.96 -14.42 15.31
N PRO C 161 31.63 -14.23 15.32
CA PRO C 161 30.92 -13.04 15.80
C PRO C 161 30.97 -12.89 17.32
N VAL C 162 30.54 -11.74 17.84
CA VAL C 162 30.73 -11.41 19.24
C VAL C 162 29.39 -11.08 19.88
N GLY C 163 29.17 -11.62 21.08
CA GLY C 163 28.01 -11.31 21.87
C GLY C 163 26.78 -12.15 21.59
N VAL C 164 26.78 -12.95 20.52
CA VAL C 164 25.59 -13.73 20.18
C VAL C 164 25.21 -14.67 21.33
N PHE C 165 26.19 -15.30 21.94
CA PHE C 165 25.97 -16.16 23.10
C PHE C 165 26.79 -15.65 24.28
N ILE C 166 26.13 -15.48 25.42
CA ILE C 166 26.75 -14.99 26.64
C ILE C 166 26.39 -15.92 27.79
N ILE C 167 26.99 -15.65 28.94
CA ILE C 167 26.70 -16.36 30.18
C ILE C 167 26.85 -15.39 31.33
N GLU C 168 26.14 -15.64 32.43
CA GLU C 168 26.29 -14.87 33.66
C GLU C 168 27.11 -15.70 34.64
N ARG C 169 28.23 -15.14 35.09
CA ARG C 169 29.24 -15.91 35.81
C ARG C 169 28.74 -16.43 37.15
N GLU C 170 27.67 -15.84 37.69
CA GLU C 170 27.22 -16.23 39.02
C GLU C 170 26.34 -17.48 38.99
N THR C 171 25.63 -17.72 37.89
CA THR C 171 24.69 -18.83 37.80
C THR C 171 25.03 -19.84 36.72
N GLY C 172 25.74 -19.43 35.66
CA GLY C 172 26.06 -20.36 34.59
C GLY C 172 24.96 -20.58 33.59
N TRP C 173 24.12 -19.56 33.37
CA TRP C 173 23.04 -19.63 32.37
C TRP C 173 23.57 -19.16 31.03
N LEU C 174 23.70 -20.09 30.09
CA LEU C 174 24.10 -19.75 28.73
C LEU C 174 22.90 -19.16 27.99
N LYS C 175 23.02 -17.91 27.55
CA LYS C 175 21.90 -17.20 26.92
C LYS C 175 22.25 -16.80 25.50
N VAL C 176 21.21 -16.57 24.70
CA VAL C 176 21.32 -15.98 23.38
C VAL C 176 20.69 -14.60 23.42
N THR C 177 21.28 -13.64 22.69
CA THR C 177 20.91 -12.24 22.82
C THR C 177 20.30 -11.62 21.58
N GLU C 178 20.30 -12.32 20.44
CA GLU C 178 19.76 -11.75 19.21
C GLU C 178 19.31 -12.89 18.31
N PRO C 179 18.44 -12.61 17.35
CA PRO C 179 18.00 -13.67 16.43
C PRO C 179 19.15 -14.29 15.66
N LEU C 180 18.98 -15.55 15.28
CA LEU C 180 19.97 -16.30 14.54
C LEU C 180 19.52 -16.47 13.09
N ASP C 181 20.48 -16.87 12.25
CA ASP C 181 20.21 -17.11 10.83
C ASP C 181 20.96 -18.37 10.42
N ARG C 182 20.21 -19.45 10.18
CA ARG C 182 20.84 -20.73 9.84
C ARG C 182 21.63 -20.65 8.54
N GLU C 183 21.16 -19.84 7.59
CA GLU C 183 21.82 -19.76 6.29
C GLU C 183 23.14 -19.00 6.35
N ARG C 184 23.45 -18.34 7.48
CA ARG C 184 24.76 -17.73 7.65
C ARG C 184 25.63 -18.62 8.53
N ILE C 185 25.25 -18.78 9.79
CA ILE C 185 25.93 -19.68 10.71
C ILE C 185 24.95 -20.79 11.06
N ALA C 186 25.25 -22.01 10.60
CA ALA C 186 24.36 -23.14 10.84
C ALA C 186 24.59 -23.76 12.22
N THR C 187 25.84 -23.79 12.68
CA THR C 187 26.18 -24.35 13.98
C THR C 187 27.27 -23.51 14.63
N TYR C 188 27.22 -23.43 15.95
CA TYR C 188 28.27 -22.83 16.76
C TYR C 188 28.92 -23.91 17.60
N THR C 189 30.18 -23.68 17.98
CA THR C 189 30.88 -24.53 18.95
C THR C 189 31.51 -23.62 19.98
N LEU C 190 31.09 -23.76 21.23
CA LEU C 190 31.59 -22.92 22.31
C LEU C 190 32.31 -23.79 23.34
N PHE C 191 32.99 -23.14 24.27
CA PHE C 191 33.70 -23.84 25.33
C PHE C 191 33.44 -23.14 26.65
N SER C 192 32.85 -23.86 27.59
CA SER C 192 32.52 -23.33 28.91
C SER C 192 33.71 -23.46 29.84
N HIS C 193 33.85 -22.49 30.74
CA HIS C 193 34.99 -22.42 31.63
C HIS C 193 34.55 -22.11 33.05
N ALA C 194 35.43 -22.41 34.00
CA ALA C 194 35.14 -22.24 35.42
C ALA C 194 36.32 -21.62 36.17
N GLY C 199 40.43 -17.48 41.44
CA GLY C 199 41.65 -17.15 40.74
C GLY C 199 42.43 -18.36 40.28
N ASN C 200 41.73 -19.32 39.69
CA ASN C 200 42.34 -20.55 39.20
C ASN C 200 41.30 -21.31 38.40
N ALA C 201 41.79 -22.16 37.49
CA ALA C 201 40.92 -22.98 36.66
C ALA C 201 40.41 -24.19 37.44
N VAL C 202 39.12 -24.49 37.28
CA VAL C 202 38.47 -25.55 38.04
C VAL C 202 38.32 -26.82 37.23
N GLU C 203 38.03 -26.70 35.94
CA GLU C 203 37.72 -27.86 35.12
C GLU C 203 38.31 -27.69 33.72
N ASP C 204 38.68 -28.82 33.12
CA ASP C 204 39.08 -28.80 31.72
C ASP C 204 37.88 -28.41 30.85
N PRO C 205 38.10 -27.62 29.80
CA PRO C 205 36.96 -27.00 29.11
C PRO C 205 35.98 -28.03 28.55
N MET C 206 34.71 -27.62 28.47
CA MET C 206 33.64 -28.49 27.97
C MET C 206 33.16 -27.99 26.61
N GLU C 207 33.03 -28.93 25.67
CA GLU C 207 32.58 -28.60 24.33
C GLU C 207 31.05 -28.50 24.31
N ILE C 208 30.55 -27.31 23.96
CA ILE C 208 29.12 -27.04 23.90
C ILE C 208 28.79 -26.72 22.45
N LEU C 209 28.05 -27.63 21.81
CA LEU C 209 27.68 -27.49 20.41
C LEU C 209 26.26 -26.94 20.29
N ILE C 210 26.10 -25.88 19.51
CA ILE C 210 24.80 -25.22 19.32
C ILE C 210 24.39 -25.40 17.86
N THR C 211 23.17 -25.88 17.65
CA THR C 211 22.65 -26.17 16.32
C THR C 211 21.49 -25.23 16.02
N VAL C 212 21.56 -24.54 14.89
CA VAL C 212 20.50 -23.62 14.47
C VAL C 212 19.51 -24.40 13.60
N THR C 213 18.27 -24.49 14.07
CA THR C 213 17.26 -25.24 13.35
C THR C 213 16.52 -24.32 12.39
N ASP C 214 16.02 -24.92 11.31
CA ASP C 214 15.66 -24.19 10.10
C ASP C 214 14.21 -23.71 10.12
N GLN C 215 14.00 -22.52 9.57
CA GLN C 215 12.68 -22.02 9.21
C GLN C 215 12.65 -21.78 7.70
N ASN C 216 11.51 -22.02 7.08
CA ASN C 216 11.38 -21.79 5.66
C ASN C 216 11.31 -20.30 5.37
N ASP C 217 12.46 -19.66 5.21
CA ASP C 217 12.53 -18.22 5.03
C ASP C 217 13.26 -17.83 3.73
N ASN C 218 13.44 -18.76 2.81
CA ASN C 218 14.07 -18.48 1.54
C ASN C 218 13.26 -19.10 0.42
N LYS C 219 13.08 -18.37 -0.62
CA LYS C 219 12.31 -18.90 -1.71
C LYS C 219 13.21 -19.60 -2.72
N PRO C 220 12.70 -20.60 -3.43
CA PRO C 220 13.49 -21.23 -4.49
C PRO C 220 13.79 -20.22 -5.59
N GLU C 221 15.02 -20.25 -6.11
CA GLU C 221 15.43 -19.37 -7.18
C GLU C 221 15.93 -20.20 -8.35
N PHE C 222 15.44 -19.88 -9.55
CA PHE C 222 15.97 -20.51 -10.75
C PHE C 222 17.40 -20.04 -10.99
N THR C 223 18.22 -20.94 -11.55
CA THR C 223 19.62 -20.61 -11.80
C THR C 223 19.76 -19.50 -12.84
N GLN C 224 18.75 -19.29 -13.67
CA GLN C 224 18.75 -18.17 -14.61
C GLN C 224 17.31 -17.76 -14.90
N GLU C 225 17.15 -16.54 -15.42
CA GLU C 225 15.84 -15.97 -15.68
C GLU C 225 15.18 -16.57 -16.92
N VAL C 226 15.96 -16.85 -17.96
CA VAL C 226 15.46 -17.41 -19.21
C VAL C 226 16.27 -18.65 -19.53
N PHE C 227 15.58 -19.76 -19.80
CA PHE C 227 16.21 -21.02 -20.19
C PHE C 227 15.92 -21.28 -21.66
N LYS C 228 16.97 -21.54 -22.43
CA LYS C 228 16.83 -21.83 -23.85
C LYS C 228 16.73 -23.34 -24.07
N GLY C 229 15.91 -23.73 -25.04
CA GLY C 229 15.78 -25.14 -25.37
C GLY C 229 15.29 -25.31 -26.79
N SER C 230 15.55 -26.50 -27.33
CA SER C 230 15.18 -26.80 -28.70
C SER C 230 14.62 -28.21 -28.79
N VAL C 231 13.66 -28.39 -29.70
CA VAL C 231 13.03 -29.68 -29.93
C VAL C 231 12.82 -29.84 -31.43
N MET C 232 12.88 -31.08 -31.88
CA MET C 232 12.69 -31.35 -33.30
C MET C 232 11.21 -31.43 -33.62
N GLU C 233 10.81 -30.83 -34.74
CA GLU C 233 9.42 -30.89 -35.16
C GLU C 233 9.02 -32.34 -35.38
N GLY C 234 7.80 -32.69 -34.97
CA GLY C 234 7.37 -34.06 -35.07
C GLY C 234 7.90 -34.99 -34.00
N ALA C 235 8.58 -34.46 -32.98
CA ALA C 235 9.07 -35.30 -31.90
C ALA C 235 7.91 -36.06 -31.26
N LEU C 236 8.13 -37.34 -30.96
CA LEU C 236 7.11 -38.13 -30.32
C LEU C 236 6.92 -37.69 -28.88
N PRO C 237 5.74 -37.92 -28.31
CA PRO C 237 5.55 -37.64 -26.88
C PRO C 237 6.58 -38.38 -26.03
N GLY C 238 6.98 -37.71 -24.94
CA GLY C 238 8.03 -38.22 -24.07
C GLY C 238 9.42 -37.74 -24.39
N THR C 239 9.64 -37.12 -25.55
CA THR C 239 10.95 -36.61 -25.93
C THR C 239 11.40 -35.51 -24.96
N SER C 240 12.57 -35.69 -24.36
CA SER C 240 13.14 -34.66 -23.49
C SER C 240 13.50 -33.43 -24.31
N VAL C 241 13.05 -32.27 -23.86
CA VAL C 241 13.35 -31.02 -24.55
C VAL C 241 14.49 -30.32 -23.85
N MET C 242 14.31 -30.00 -22.57
CA MET C 242 15.27 -29.18 -21.84
C MET C 242 15.06 -29.41 -20.35
N GLU C 243 15.89 -28.73 -19.55
CA GLU C 243 15.83 -28.84 -18.10
C GLU C 243 15.93 -27.45 -17.48
N VAL C 244 15.01 -27.15 -16.58
CA VAL C 244 15.09 -25.96 -15.76
C VAL C 244 15.52 -26.39 -14.36
N THR C 245 16.15 -25.48 -13.64
CA THR C 245 16.77 -25.81 -12.38
C THR C 245 16.60 -24.67 -11.40
N ALA C 246 16.23 -25.01 -10.17
CA ALA C 246 16.13 -24.02 -9.11
C ALA C 246 16.85 -24.54 -7.87
N THR C 247 17.23 -23.61 -7.00
CA THR C 247 17.83 -23.94 -5.72
C THR C 247 17.10 -23.21 -4.61
N ASP C 248 17.04 -23.85 -3.45
CA ASP C 248 16.47 -23.29 -2.24
C ASP C 248 17.53 -23.39 -1.16
N ALA C 249 17.70 -22.31 -0.40
CA ALA C 249 18.80 -22.19 0.53
C ALA C 249 18.48 -22.79 1.90
N ASP C 250 17.31 -23.38 2.07
CA ASP C 250 16.94 -23.86 3.39
C ASP C 250 17.39 -25.30 3.59
N ASP C 251 17.07 -25.85 4.76
CA ASP C 251 17.54 -27.18 5.17
C ASP C 251 16.78 -28.23 4.38
N ASP C 252 17.43 -28.82 3.40
CA ASP C 252 16.79 -29.81 2.54
C ASP C 252 17.02 -31.24 3.03
N VAL C 253 17.68 -31.40 4.17
CA VAL C 253 17.90 -32.72 4.74
C VAL C 253 17.02 -33.01 5.96
N ASN C 254 16.66 -31.98 6.75
CA ASN C 254 15.82 -32.21 7.92
C ASN C 254 14.41 -31.66 7.78
N THR C 255 14.13 -30.86 6.76
CA THR C 255 12.79 -30.30 6.56
C THR C 255 12.43 -30.41 5.09
N TYR C 256 11.21 -30.00 4.77
CA TYR C 256 10.76 -29.87 3.40
C TYR C 256 10.91 -28.45 2.87
N ASN C 257 11.52 -27.54 3.65
CA ASN C 257 11.62 -26.13 3.27
C ASN C 257 12.42 -25.91 1.99
N ALA C 258 13.11 -26.93 1.50
CA ALA C 258 13.84 -26.84 0.25
C ALA C 258 13.43 -27.91 -0.75
N ALA C 259 12.29 -28.57 -0.53
CA ALA C 259 11.82 -29.62 -1.43
C ALA C 259 11.03 -28.95 -2.55
N ILE C 260 11.61 -28.91 -3.74
CA ILE C 260 11.12 -28.08 -4.84
C ILE C 260 10.31 -28.94 -5.78
N ALA C 261 9.11 -28.46 -6.14
CA ALA C 261 8.33 -29.01 -7.23
C ALA C 261 8.24 -28.00 -8.36
N TYR C 262 8.43 -28.46 -9.59
CA TYR C 262 8.33 -27.61 -10.77
C TYR C 262 6.97 -27.77 -11.42
N THR C 263 6.39 -26.66 -11.88
CA THR C 263 5.14 -26.68 -12.63
C THR C 263 5.21 -25.69 -13.79
N ILE C 264 4.35 -25.90 -14.77
CA ILE C 264 4.18 -24.98 -15.88
C ILE C 264 2.95 -24.12 -15.59
N LEU C 265 3.12 -22.80 -15.66
CA LEU C 265 2.05 -21.86 -15.40
C LEU C 265 1.34 -21.41 -16.66
N SER C 266 2.03 -21.35 -17.79
CA SER C 266 1.40 -20.96 -19.05
C SER C 266 2.27 -21.40 -20.22
N GLN C 267 1.61 -21.54 -21.38
CA GLN C 267 2.26 -21.91 -22.63
C GLN C 267 1.78 -20.94 -23.71
N ASP C 268 2.72 -20.41 -24.49
CA ASP C 268 2.39 -19.50 -25.57
C ASP C 268 3.21 -19.84 -26.81
N PRO C 269 2.57 -20.10 -27.96
CA PRO C 269 1.10 -20.08 -28.13
C PRO C 269 0.42 -21.34 -27.63
N GLU C 270 -0.90 -21.40 -27.78
CA GLU C 270 -1.69 -22.56 -27.37
C GLU C 270 -2.07 -23.43 -28.57
N LEU C 271 -1.23 -23.47 -29.59
CA LEU C 271 -1.49 -24.23 -30.80
C LEU C 271 -0.25 -25.04 -31.16
N PRO C 272 -0.43 -26.24 -31.74
CA PRO C 272 -1.71 -26.87 -32.12
C PRO C 272 -2.57 -27.23 -30.91
N ASP C 273 -1.94 -27.41 -29.76
CA ASP C 273 -2.65 -27.79 -28.54
C ASP C 273 -2.25 -26.87 -27.38
N LYS C 274 -3.17 -26.75 -26.43
CA LYS C 274 -2.95 -25.93 -25.24
C LYS C 274 -1.77 -26.43 -24.42
N ASN C 275 -1.53 -27.75 -24.42
CA ASN C 275 -0.47 -28.37 -23.62
C ASN C 275 0.41 -29.19 -24.54
N MET C 276 1.41 -28.55 -25.15
CA MET C 276 2.36 -29.30 -25.94
C MET C 276 3.42 -29.96 -25.08
N PHE C 277 3.66 -29.46 -23.88
CA PHE C 277 4.77 -29.89 -23.05
C PHE C 277 4.31 -30.17 -21.64
N THR C 278 5.08 -31.02 -20.96
CA THR C 278 4.92 -31.26 -19.54
C THR C 278 6.28 -31.07 -18.88
N ILE C 279 6.25 -30.85 -17.58
CA ILE C 279 7.48 -30.73 -16.79
C ILE C 279 7.41 -31.71 -15.64
N ASN C 280 8.54 -32.32 -15.34
CA ASN C 280 8.61 -33.29 -14.27
C ASN C 280 8.67 -32.54 -12.93
N ARG C 281 7.75 -32.89 -12.03
CA ARG C 281 7.65 -32.19 -10.74
C ARG C 281 8.99 -32.12 -10.03
N ASN C 282 9.77 -33.20 -10.09
CA ASN C 282 10.98 -33.31 -9.27
C ASN C 282 12.25 -32.92 -9.99
N THR C 283 12.39 -33.26 -11.27
CA THR C 283 13.65 -33.07 -11.98
C THR C 283 13.69 -31.78 -12.79
N GLY C 284 12.55 -31.20 -13.12
CA GLY C 284 12.51 -30.03 -13.96
C GLY C 284 12.69 -30.32 -15.44
N VAL C 285 12.78 -31.59 -15.84
CA VAL C 285 12.87 -31.92 -17.25
C VAL C 285 11.54 -31.58 -17.92
N ILE C 286 11.62 -30.92 -19.08
CA ILE C 286 10.45 -30.57 -19.87
C ILE C 286 10.40 -31.51 -21.07
N SER C 287 9.22 -32.07 -21.33
CA SER C 287 9.07 -33.10 -22.36
C SER C 287 7.90 -32.78 -23.27
N VAL C 288 7.95 -33.31 -24.49
CA VAL C 288 6.81 -33.24 -25.39
C VAL C 288 5.74 -34.22 -24.94
N VAL C 289 4.48 -33.78 -24.98
CA VAL C 289 3.35 -34.67 -24.70
C VAL C 289 2.40 -34.81 -25.88
N THR C 290 2.50 -33.96 -26.88
CA THR C 290 1.54 -33.97 -27.96
C THR C 290 2.26 -33.89 -29.29
N THR C 291 1.78 -34.67 -30.26
CA THR C 291 2.26 -34.51 -31.61
C THR C 291 1.80 -33.18 -32.19
N GLY C 292 2.42 -32.79 -33.30
CA GLY C 292 1.99 -31.64 -34.05
C GLY C 292 2.92 -30.45 -34.04
N LEU C 293 4.08 -30.54 -33.39
CA LEU C 293 5.05 -29.46 -33.48
C LEU C 293 5.44 -29.22 -34.93
N ASP C 294 5.26 -27.97 -35.38
CA ASP C 294 5.53 -27.59 -36.77
C ASP C 294 6.27 -26.26 -36.77
N ARG C 295 7.44 -26.23 -37.41
CA ARG C 295 8.26 -25.02 -37.40
C ARG C 295 7.63 -23.90 -38.21
N GLU C 296 7.19 -24.21 -39.44
CA GLU C 296 6.56 -23.19 -40.28
C GLU C 296 5.27 -22.68 -39.66
N SER C 297 4.62 -23.48 -38.82
CA SER C 297 3.40 -23.05 -38.16
C SER C 297 3.72 -22.24 -36.90
N PHE C 298 4.42 -22.84 -35.95
CA PHE C 298 4.68 -22.21 -34.66
C PHE C 298 6.12 -22.52 -34.25
N PRO C 299 7.06 -21.64 -34.59
CA PRO C 299 8.48 -21.96 -34.41
C PRO C 299 9.00 -21.77 -33.00
N THR C 300 8.26 -21.10 -32.12
CA THR C 300 8.74 -20.84 -30.77
C THR C 300 7.60 -21.00 -29.78
N TYR C 301 7.91 -21.61 -28.64
CA TYR C 301 7.00 -21.66 -27.51
C TYR C 301 7.66 -20.99 -26.31
N THR C 302 6.87 -20.25 -25.53
CA THR C 302 7.34 -19.62 -24.31
C THR C 302 6.55 -20.20 -23.14
N LEU C 303 7.26 -20.77 -22.17
CA LEU C 303 6.63 -21.34 -20.99
C LEU C 303 7.04 -20.55 -19.77
N VAL C 304 6.08 -20.22 -18.91
CA VAL C 304 6.39 -19.72 -17.58
C VAL C 304 6.43 -20.92 -16.65
N VAL C 305 7.57 -21.12 -16.01
CA VAL C 305 7.78 -22.24 -15.10
C VAL C 305 7.89 -21.71 -13.69
N GLN C 306 7.36 -22.47 -12.73
CA GLN C 306 7.35 -22.08 -11.34
C GLN C 306 8.06 -23.14 -10.52
N ALA C 307 8.83 -22.70 -9.52
CA ALA C 307 9.45 -23.60 -8.57
C ALA C 307 8.98 -23.22 -7.17
N ALA C 308 8.27 -24.12 -6.51
CA ALA C 308 7.74 -23.87 -5.17
C ALA C 308 8.34 -24.87 -4.19
N ASP C 309 8.62 -24.41 -2.98
CA ASP C 309 9.15 -25.33 -1.97
C ASP C 309 7.99 -25.93 -1.18
N LEU C 310 8.31 -26.59 -0.07
CA LEU C 310 7.35 -27.45 0.64
C LEU C 310 6.64 -28.37 -0.34
N GLN C 311 7.45 -29.02 -1.18
CA GLN C 311 6.97 -29.97 -2.19
C GLN C 311 5.92 -29.38 -3.12
N GLY C 312 6.04 -28.08 -3.43
CA GLY C 312 5.12 -27.42 -4.32
C GLY C 312 4.05 -26.61 -3.64
N GLU C 313 3.91 -26.72 -2.32
CA GLU C 313 2.88 -25.99 -1.59
C GLU C 313 3.38 -24.69 -0.97
N GLY C 314 4.67 -24.41 -1.00
CA GLY C 314 5.24 -23.29 -0.28
C GLY C 314 5.63 -22.13 -1.17
N LEU C 315 6.70 -21.44 -0.77
CA LEU C 315 7.18 -20.24 -1.45
C LEU C 315 7.64 -20.57 -2.87
N SER C 316 7.42 -19.63 -3.79
CA SER C 316 7.71 -19.85 -5.19
C SER C 316 8.38 -18.64 -5.83
N THR C 317 9.11 -18.89 -6.90
CA THR C 317 9.45 -17.88 -7.90
C THR C 317 9.21 -18.48 -9.28
N THR C 318 9.34 -17.64 -10.30
CA THR C 318 9.09 -18.07 -11.67
C THR C 318 10.32 -17.81 -12.54
N ALA C 319 10.31 -18.46 -13.70
CA ALA C 319 11.26 -18.17 -14.77
C ALA C 319 10.60 -18.53 -16.09
N THR C 320 11.36 -18.39 -17.16
CA THR C 320 10.84 -18.55 -18.52
C THR C 320 11.66 -19.58 -19.27
N ALA C 321 10.96 -20.46 -19.99
CA ALA C 321 11.58 -21.43 -20.88
C ALA C 321 11.16 -21.10 -22.32
N VAL C 322 12.14 -20.97 -23.20
CA VAL C 322 11.92 -20.57 -24.58
C VAL C 322 12.34 -21.74 -25.45
N ILE C 323 11.38 -22.38 -26.11
CA ILE C 323 11.61 -23.60 -26.87
C ILE C 323 11.49 -23.28 -28.35
N THR C 324 12.55 -23.57 -29.09
CA THR C 324 12.59 -23.38 -30.53
C THR C 324 12.34 -24.71 -31.22
N VAL C 325 11.47 -24.71 -32.21
CA VAL C 325 11.15 -25.91 -32.99
C VAL C 325 12.02 -25.91 -34.24
N THR C 326 12.85 -26.94 -34.39
CA THR C 326 13.85 -27.03 -35.45
C THR C 326 13.39 -28.02 -36.53
N ASP C 327 14.31 -28.38 -37.41
CA ASP C 327 14.03 -29.32 -38.49
C ASP C 327 14.53 -30.72 -38.14
S SO4 D . 6.07 -10.44 -11.69
O1 SO4 D . 7.45 -10.91 -11.56
O2 SO4 D . 6.07 -9.21 -12.48
O3 SO4 D . 5.55 -10.17 -10.36
O4 SO4 D . 5.28 -11.47 -12.36
S SO4 E . 9.47 -13.09 -6.57
O1 SO4 E . 9.01 -12.14 -7.56
O2 SO4 E . 10.93 -13.07 -6.58
O3 SO4 E . 9.02 -14.43 -6.89
O4 SO4 E . 8.95 -12.71 -5.25
S SO4 F . 2.61 -19.07 -1.72
O1 SO4 F . 3.50 -19.22 -0.57
O2 SO4 F . 2.37 -17.65 -1.96
O3 SO4 F . 3.23 -19.66 -2.90
O4 SO4 F . 1.35 -19.75 -1.43
S SO4 G . 9.54 9.49 -10.56
O1 SO4 G . 9.68 10.04 -9.19
O2 SO4 G . 10.49 10.15 -11.44
O3 SO4 G . 9.80 8.05 -10.58
O4 SO4 G . 8.18 9.73 -11.04
CA CA H . 17.66 -17.56 7.31
CA CA I . 12.75 -22.50 1.17
S SO4 J . 25.65 -32.20 31.49
O1 SO4 J . 26.79 -31.39 31.08
O2 SO4 J . 24.41 -31.48 31.19
O3 SO4 J . 25.74 -32.46 32.92
O4 SO4 J . 25.67 -33.47 30.77
S SO4 K . 7.42 -14.04 -15.21
O1 SO4 K . 8.08 -12.75 -15.05
O2 SO4 K . 6.85 -14.12 -16.56
O3 SO4 K . 8.43 -15.09 -15.04
O4 SO4 K . 6.35 -14.19 -14.23
CA CA L . 16.04 -21.09 6.78
#